data_5UE9
#
_entry.id   5UE9
#
_cell.length_a   80.207
_cell.length_b   151.911
_cell.length_c   214.799
_cell.angle_alpha   90.000
_cell.angle_beta   90.000
_cell.angle_gamma   90.000
#
_symmetry.space_group_name_H-M   'C 2 2 21'
#
loop_
_entity.id
_entity.type
_entity.pdbx_description
1 polymer 'Dihydroorotate dehydrogenase'
2 polymer 'Dihydroorotate dehydrogenase B (NAD(+)), electron transfer subunit'
3 non-polymer 'FLAVIN MONONUCLEOTIDE'
4 non-polymer 'OROTIC ACID'
5 non-polymer 'CHLORIDE ION'
6 non-polymer 'FLAVIN-ADENINE DINUCLEOTIDE'
7 non-polymer 'FE2/S2 (INORGANIC) CLUSTER'
8 non-polymer GLYCEROL
9 water water
#
loop_
_entity_poly.entity_id
_entity_poly.type
_entity_poly.pdbx_seq_one_letter_code
_entity_poly.pdbx_strand_id
1 'polypeptide(L)'
;NRLSVKLPGLDLKNPIIPASGCFGFGEEYAKYYDLNKLGSIMVKATTLHPRFGNPTPRVAETASGMLNAIGLQNPGLEVI
MAEKLPWLNENFPDLPIIANVAGSEEDDYVAVCAKIGDAPNVKVIELNISCPNVKHGGQAFGTDPDVAAALVKACKAVSK
VPLYVKLSPNVTDIVPIAKAVEAAGADGLTMINTLMGVRFDLKTRKPVLANITGGLSGPAIKPVALKLIHQVAQVVDIPI
IGMGGVESAQDVLEMYMAGASAVAVGTANFADPFVCPKIIEKLPEVMDQYGIDSLENLIQEVKNSK
;
A,C
2 'polypeptide(L)'
;MPKLQEMMTIVSQREVASNIFEMVLKGELVEEMDLPGQFLHLAVPNASMLLRRPISISSWDKVAKTCTILYRIGDETSGT
YEISKLQSGAKIDVMGPLGNGFPVDEVVSTDKILIVGGGIGVPPLYELAKQLEEKNCQMTILLGFASEKVKILEKEFAEL
KNVSLKIATDDGSYGTKGHVGMLMEEIDFEVDALYTCGAPAMLKAVAKKYEQLERLYISMESRMACGIGACYACVEHDKE
DENHALKVCEDGPVFLGKQLLL
;
B,D
#
loop_
_chem_comp.id
_chem_comp.type
_chem_comp.name
_chem_comp.formula
CL non-polymer 'CHLORIDE ION' 'Cl -1'
FAD non-polymer 'FLAVIN-ADENINE DINUCLEOTIDE' 'C27 H33 N9 O15 P2'
FES non-polymer 'FE2/S2 (INORGANIC) CLUSTER' 'Fe2 S2'
FMN non-polymer 'FLAVIN MONONUCLEOTIDE' 'C17 H21 N4 O9 P'
GOL non-polymer GLYCEROL 'C3 H8 O3'
ORO non-polymer 'OROTIC ACID' 'C5 H4 N2 O4'
#
# COMPACT_ATOMS: atom_id res chain seq x y z
N ASN A 1 2.12 28.48 16.23
CA ASN A 1 1.76 27.96 17.54
C ASN A 1 2.95 27.84 18.52
N ARG A 2 2.62 27.51 19.78
CA ARG A 2 3.61 27.43 20.86
C ARG A 2 4.67 26.40 20.58
N LEU A 3 4.27 25.23 20.05
CA LEU A 3 5.14 24.07 19.86
C LEU A 3 6.00 24.16 18.61
N SER A 4 5.74 25.10 17.72
CA SER A 4 6.47 25.14 16.47
C SER A 4 7.91 25.61 16.68
N VAL A 5 8.85 24.94 16.00
CA VAL A 5 10.26 25.34 15.98
C VAL A 5 10.76 25.29 14.55
N LYS A 6 11.56 26.28 14.19
CA LYS A 6 12.18 26.40 12.88
C LYS A 6 13.67 26.16 13.02
N LEU A 7 14.18 25.18 12.25
CA LEU A 7 15.58 24.77 12.20
C LEU A 7 16.03 24.79 10.75
N PRO A 8 17.34 24.77 10.49
CA PRO A 8 17.82 24.59 9.12
C PRO A 8 17.12 23.39 8.47
N GLY A 9 16.56 23.62 7.28
CA GLY A 9 15.82 22.58 6.58
C GLY A 9 14.55 22.09 7.24
N LEU A 10 14.11 22.70 8.34
CA LEU A 10 13.05 22.08 9.14
C LEU A 10 12.09 23.14 9.65
N ASP A 11 10.87 23.16 9.11
CA ASP A 11 9.81 24.01 9.62
C ASP A 11 8.83 23.11 10.36
N LEU A 12 9.14 22.82 11.62
CA LEU A 12 8.46 21.77 12.36
C LEU A 12 7.20 22.29 13.06
N LYS A 13 6.09 21.57 12.88
CA LYS A 13 4.86 21.97 13.55
C LYS A 13 4.96 21.75 15.05
N ASN A 14 5.86 20.88 15.49
CA ASN A 14 6.22 20.72 16.89
C ASN A 14 7.55 19.97 16.93
N PRO A 15 8.19 19.86 18.10
CA PRO A 15 9.56 19.34 18.12
C PRO A 15 9.73 17.82 18.20
N ILE A 16 8.67 17.03 18.21
CA ILE A 16 8.82 15.61 18.46
C ILE A 16 9.17 14.90 17.16
N ILE A 17 10.24 14.12 17.20
CA ILE A 17 10.74 13.42 16.01
C ILE A 17 11.04 11.98 16.43
N PRO A 18 10.34 10.96 15.95
CA PRO A 18 10.76 9.60 16.28
C PRO A 18 12.19 9.35 15.81
N ALA A 19 12.98 8.75 16.69
CA ALA A 19 14.40 8.58 16.45
C ALA A 19 14.66 7.41 15.50
N SER A 20 15.76 7.55 14.76
CA SER A 20 16.19 6.56 13.78
C SER A 20 16.32 5.17 14.37
N GLY A 21 15.87 4.17 13.63
CA GLY A 21 15.93 2.80 14.05
C GLY A 21 14.79 2.40 14.94
N CYS A 22 13.97 3.37 15.35
CA CYS A 22 12.87 3.09 16.24
C CYS A 22 11.53 3.31 15.58
N PHE A 23 11.53 3.62 14.28
CA PHE A 23 10.29 3.92 13.59
C PHE A 23 10.25 3.31 12.19
N GLY A 24 11.25 2.51 11.81
CA GLY A 24 11.32 2.02 10.44
C GLY A 24 11.31 3.18 9.47
N PHE A 25 10.40 3.11 8.50
CA PHE A 25 10.07 4.24 7.63
C PHE A 25 8.62 4.67 7.87
N GLY A 26 8.16 4.55 9.11
CA GLY A 26 6.85 5.02 9.51
C GLY A 26 5.69 4.12 9.13
N GLU A 27 5.93 3.05 8.37
CA GLU A 27 4.80 2.31 7.81
C GLU A 27 4.05 1.50 8.87
N GLU A 28 4.71 1.14 9.97
CA GLU A 28 4.07 0.32 10.99
C GLU A 28 3.32 1.18 12.01
N TYR A 29 3.98 2.16 12.61
CA TYR A 29 3.30 2.98 13.58
C TYR A 29 2.18 3.78 12.93
N ALA A 30 2.25 3.99 11.61
CA ALA A 30 1.17 4.70 10.93
C ALA A 30 -0.17 3.98 11.08
N LYS A 31 -0.16 2.66 11.34
CA LYS A 31 -1.42 1.99 11.60
C LYS A 31 -2.04 2.42 12.92
N TYR A 32 -1.28 3.13 13.77
CA TYR A 32 -1.70 3.43 15.13
C TYR A 32 -2.08 4.89 15.34
N TYR A 33 -1.55 5.80 14.53
CA TYR A 33 -2.04 7.17 14.59
C TYR A 33 -1.60 7.92 13.34
N ASP A 34 -2.24 9.06 13.14
CA ASP A 34 -1.98 9.92 12.00
C ASP A 34 -0.57 10.49 12.17
N LEU A 35 0.35 10.07 11.31
CA LEU A 35 1.71 10.57 11.38
C LEU A 35 1.81 12.08 11.20
N ASN A 36 0.80 12.73 10.63
CA ASN A 36 0.88 14.18 10.46
C ASN A 36 1.00 14.92 11.79
N LYS A 37 0.64 14.28 12.91
CA LYS A 37 0.81 14.88 14.24
C LYS A 37 2.27 15.16 14.56
N LEU A 38 3.19 14.37 13.99
CA LEU A 38 4.61 14.49 14.29
C LEU A 38 5.24 15.72 13.65
N GLY A 39 6.34 16.16 14.25
CA GLY A 39 7.09 17.26 13.68
C GLY A 39 7.91 16.83 12.49
N SER A 40 8.48 15.63 12.57
CA SER A 40 9.32 15.01 11.55
C SER A 40 9.52 13.55 11.93
N ILE A 41 10.38 12.86 11.17
CA ILE A 41 10.77 11.48 11.44
C ILE A 41 12.22 11.30 11.00
N MET A 42 13.06 10.80 11.89
CA MET A 42 14.36 10.27 11.49
C MET A 42 14.16 8.81 11.08
N VAL A 43 14.17 8.54 9.78
CA VAL A 43 13.94 7.17 9.35
C VAL A 43 15.18 6.33 9.61
N LYS A 44 15.04 5.00 9.48
CA LYS A 44 16.13 4.04 9.65
C LYS A 44 17.37 4.41 8.84
N ALA A 45 18.54 3.93 9.26
CA ALA A 45 19.75 4.21 8.52
C ALA A 45 19.65 3.67 7.11
N THR A 46 20.14 4.45 6.15
CA THR A 46 20.31 4.07 4.76
C THR A 46 21.79 3.81 4.53
N THR A 47 22.12 2.63 4.02
CA THR A 47 23.46 2.41 3.50
C THR A 47 23.36 2.23 2.00
N LEU A 48 24.51 2.36 1.31
CA LEU A 48 24.54 2.30 -0.15
C LEU A 48 23.99 0.97 -0.66
N HIS A 49 24.47 -0.12 -0.15
CA HIS A 49 23.99 -1.44 -0.55
C HIS A 49 23.05 -2.02 0.51
N PRO A 50 22.22 -3.00 0.17
CA PRO A 50 21.37 -3.61 1.20
C PRO A 50 22.19 -4.29 2.29
N ARG A 51 21.59 -4.40 3.47
CA ARG A 51 22.26 -5.06 4.58
C ARG A 51 21.24 -5.87 5.37
N PHE A 52 21.56 -7.13 5.67
CA PHE A 52 20.64 -7.93 6.47
C PHE A 52 20.70 -7.54 7.95
N GLY A 53 21.85 -7.09 8.41
CA GLY A 53 22.05 -6.81 9.81
C GLY A 53 22.78 -7.94 10.50
N ASN A 54 22.84 -7.83 11.80
CA ASN A 54 23.58 -8.80 12.60
C ASN A 54 22.72 -10.03 12.91
N PRO A 55 23.34 -11.12 13.28
CA PRO A 55 22.57 -12.29 13.71
C PRO A 55 21.84 -11.99 15.02
N THR A 56 20.77 -12.76 15.25
CA THR A 56 20.01 -12.63 16.49
C THR A 56 20.65 -13.49 17.60
N PRO A 57 20.30 -13.23 18.89
CA PRO A 57 19.44 -12.18 19.44
C PRO A 57 20.05 -10.79 19.19
N ARG A 58 19.20 -9.83 18.82
CA ARG A 58 19.62 -8.48 18.49
C ARG A 58 19.31 -7.46 19.57
N VAL A 59 18.43 -7.78 20.52
CA VAL A 59 18.06 -6.82 21.56
C VAL A 59 18.03 -7.53 22.91
N ALA A 60 18.12 -6.72 23.97
CA ALA A 60 18.11 -7.24 25.33
C ALA A 60 17.61 -6.15 26.24
N GLU A 61 16.91 -6.54 27.30
CA GLU A 61 16.43 -5.57 28.25
C GLU A 61 17.50 -5.29 29.29
N THR A 62 17.55 -4.04 29.73
CA THR A 62 18.35 -3.60 30.86
C THR A 62 17.44 -2.78 31.76
N ALA A 63 17.99 -2.34 32.89
CA ALA A 63 17.24 -1.55 33.87
C ALA A 63 16.94 -0.18 33.28
N SER A 64 15.66 0.13 33.05
CA SER A 64 15.27 1.40 32.46
C SER A 64 15.96 1.60 31.11
N GLY A 65 16.25 0.51 30.41
CA GLY A 65 16.89 0.63 29.11
C GLY A 65 16.78 -0.66 28.34
N MET A 66 17.43 -0.66 27.17
CA MET A 66 17.55 -1.85 26.33
C MET A 66 18.87 -1.79 25.61
N LEU A 67 19.31 -2.93 25.13
CA LEU A 67 20.44 -3.04 24.24
C LEU A 67 19.94 -3.44 22.87
N ASN A 68 20.51 -2.85 21.81
CA ASN A 68 20.23 -3.29 20.44
C ASN A 68 21.53 -3.49 19.68
N ALA A 69 21.57 -4.51 18.84
CA ALA A 69 22.70 -4.74 17.94
C ALA A 69 22.17 -5.09 16.54
N ILE A 70 21.30 -4.21 16.02
CA ILE A 70 20.59 -4.47 14.77
C ILE A 70 21.57 -4.70 13.62
N GLY A 71 22.59 -3.86 13.52
CA GLY A 71 23.56 -3.97 12.45
C GLY A 71 23.21 -3.21 11.19
N LEU A 72 22.37 -2.19 11.29
CA LEU A 72 22.03 -1.32 10.16
C LEU A 72 21.25 -2.07 9.08
N GLN A 73 20.40 -3.00 9.48
CA GLN A 73 19.55 -3.65 8.50
C GLN A 73 18.71 -2.60 7.79
N ASN A 74 18.77 -2.61 6.47
CA ASN A 74 18.02 -1.67 5.65
C ASN A 74 18.07 -2.16 4.21
N PRO A 75 17.07 -1.82 3.39
CA PRO A 75 17.04 -2.31 2.01
C PRO A 75 18.01 -1.63 1.03
N GLY A 76 18.79 -0.63 1.45
CA GLY A 76 19.75 -0.01 0.55
C GLY A 76 19.18 1.22 -0.15
N LEU A 77 20.09 2.00 -0.76
CA LEU A 77 19.74 3.29 -1.36
C LEU A 77 18.66 3.15 -2.42
N GLU A 78 18.87 2.27 -3.41
CA GLU A 78 17.96 2.21 -4.55
C GLU A 78 16.53 1.91 -4.10
N VAL A 79 16.36 0.92 -3.22
CA VAL A 79 15.03 0.59 -2.75
C VAL A 79 14.47 1.71 -1.87
N ILE A 80 15.31 2.34 -1.05
CA ILE A 80 14.77 3.37 -0.17
C ILE A 80 14.31 4.58 -0.97
N MET A 81 15.05 4.95 -2.03
CA MET A 81 14.61 6.05 -2.87
C MET A 81 13.35 5.71 -3.66
N ALA A 82 13.15 4.44 -4.01
CA ALA A 82 12.08 4.05 -4.91
C ALA A 82 10.81 3.60 -4.19
N GLU A 83 10.92 2.98 -3.03
CA GLU A 83 9.77 2.48 -2.32
C GLU A 83 9.50 3.28 -1.06
N LYS A 84 10.46 3.29 -0.13
CA LYS A 84 10.17 3.65 1.26
C LYS A 84 9.92 5.13 1.44
N LEU A 85 10.75 5.98 0.83
CA LEU A 85 10.53 7.43 0.95
C LEU A 85 9.35 7.88 0.09
N PRO A 86 9.21 7.43 -1.17
CA PRO A 86 8.01 7.80 -1.93
C PRO A 86 6.74 7.42 -1.21
N TRP A 87 6.75 6.29 -0.49
CA TRP A 87 5.58 5.92 0.29
C TRP A 87 5.24 6.99 1.32
N LEU A 88 6.26 7.51 2.01
CA LEU A 88 6.04 8.59 2.95
C LEU A 88 5.53 9.84 2.23
N ASN A 89 6.07 10.08 1.05
CA ASN A 89 5.74 11.29 0.30
C ASN A 89 4.28 11.31 -0.11
N GLU A 90 3.74 10.14 -0.46
CA GLU A 90 2.36 10.04 -0.93
C GLU A 90 1.39 10.21 0.24
N ASN A 91 1.66 9.50 1.33
CA ASN A 91 0.74 9.52 2.45
C ASN A 91 0.95 10.72 3.36
N PHE A 92 2.12 11.37 3.28
CA PHE A 92 2.44 12.50 4.15
C PHE A 92 3.31 13.50 3.40
N PRO A 93 2.76 14.14 2.35
CA PRO A 93 3.62 15.01 1.51
C PRO A 93 4.24 16.19 2.24
N ASP A 94 3.59 16.69 3.30
CA ASP A 94 4.03 17.86 4.06
C ASP A 94 4.75 17.50 5.35
N LEU A 95 5.14 16.23 5.52
CA LEU A 95 5.78 15.77 6.74
C LEU A 95 7.27 15.63 6.51
N PRO A 96 8.11 16.54 7.01
CA PRO A 96 9.53 16.54 6.67
C PRO A 96 10.25 15.32 7.22
N ILE A 97 11.10 14.73 6.39
CA ILE A 97 11.76 13.46 6.69
C ILE A 97 13.25 13.72 6.91
N ILE A 98 13.78 13.17 8.00
CA ILE A 98 15.20 13.24 8.29
C ILE A 98 15.82 11.90 7.90
N ALA A 99 16.76 11.93 6.96
CA ALA A 99 17.34 10.73 6.36
C ALA A 99 18.65 10.41 7.07
N ASN A 100 18.59 9.44 7.97
CA ASN A 100 19.78 8.89 8.59
C ASN A 100 20.64 8.19 7.55
N VAL A 101 21.91 8.56 7.47
CA VAL A 101 22.83 8.00 6.48
C VAL A 101 24.00 7.39 7.21
N ALA A 102 24.19 6.08 7.03
CA ALA A 102 25.29 5.32 7.62
C ALA A 102 26.14 4.73 6.53
N GLY A 103 27.28 4.17 6.90
CA GLY A 103 28.19 3.67 5.90
C GLY A 103 29.35 2.94 6.52
N SER A 104 30.18 2.36 5.65
CA SER A 104 31.36 1.62 6.05
C SER A 104 32.64 2.28 5.63
N GLU A 105 32.58 3.19 4.67
CA GLU A 105 33.74 3.97 4.23
C GLU A 105 33.23 5.29 3.67
N GLU A 106 34.15 6.23 3.49
CA GLU A 106 33.78 7.61 3.16
C GLU A 106 33.02 7.69 1.83
N ASP A 107 33.48 6.96 0.81
CA ASP A 107 32.82 6.98 -0.50
C ASP A 107 31.35 6.61 -0.40
N ASP A 108 31.04 5.62 0.43
CA ASP A 108 29.66 5.17 0.58
C ASP A 108 28.76 6.25 1.16
N TYR A 109 29.20 6.89 2.25
CA TYR A 109 28.47 8.02 2.80
C TYR A 109 28.21 9.08 1.73
N VAL A 110 29.26 9.45 0.99
CA VAL A 110 29.14 10.49 -0.02
C VAL A 110 28.16 10.08 -1.12
N ALA A 111 28.27 8.83 -1.58
CA ALA A 111 27.38 8.35 -2.62
C ALA A 111 25.92 8.47 -2.19
N VAL A 112 25.61 8.08 -0.94
CA VAL A 112 24.23 8.17 -0.44
C VAL A 112 23.79 9.63 -0.38
N CYS A 113 24.64 10.50 0.20
CA CYS A 113 24.33 11.91 0.36
C CYS A 113 24.18 12.64 -0.98
N ALA A 114 24.76 12.12 -2.05
CA ALA A 114 24.56 12.72 -3.36
C ALA A 114 23.14 12.48 -3.87
N LYS A 115 22.61 11.28 -3.68
CA LYS A 115 21.32 10.91 -4.24
C LYS A 115 20.14 11.25 -3.35
N ILE A 116 20.30 11.12 -2.03
CA ILE A 116 19.12 10.97 -1.19
C ILE A 116 18.39 12.29 -0.95
N GLY A 117 19.05 13.43 -1.16
CA GLY A 117 18.33 14.69 -1.19
C GLY A 117 17.35 14.84 -2.35
N ASP A 118 17.49 14.01 -3.39
CA ASP A 118 16.57 14.08 -4.52
C ASP A 118 15.15 13.73 -4.12
N ALA A 119 14.97 13.02 -3.02
CA ALA A 119 13.62 12.76 -2.55
C ALA A 119 12.97 14.07 -2.13
N PRO A 120 11.79 14.41 -2.66
CA PRO A 120 11.13 15.69 -2.29
C PRO A 120 10.90 15.85 -0.80
N ASN A 121 10.60 14.77 -0.08
CA ASN A 121 10.24 14.90 1.32
C ASN A 121 11.44 14.87 2.27
N VAL A 122 12.63 14.52 1.79
CA VAL A 122 13.82 14.53 2.62
C VAL A 122 14.36 15.96 2.72
N LYS A 123 14.19 16.59 3.88
CA LYS A 123 14.62 17.97 4.08
C LYS A 123 16.00 18.08 4.73
N VAL A 124 16.44 17.04 5.42
CA VAL A 124 17.67 17.06 6.18
C VAL A 124 18.29 15.68 6.08
N ILE A 125 19.62 15.61 6.20
CA ILE A 125 20.36 14.37 6.31
C ILE A 125 20.98 14.33 7.71
N GLU A 126 20.86 13.18 8.38
CA GLU A 126 21.47 12.99 9.68
C GLU A 126 22.60 12.01 9.51
N LEU A 127 23.83 12.53 9.42
CA LEU A 127 25.02 11.70 9.27
C LEU A 127 25.26 10.88 10.53
N ASN A 128 25.12 9.57 10.39
CA ASN A 128 25.35 8.65 11.47
C ASN A 128 26.80 8.24 11.37
N ILE A 129 27.68 8.95 12.09
CA ILE A 129 29.12 8.68 12.06
C ILE A 129 29.48 7.72 13.19
N SER A 130 28.47 7.11 13.79
CA SER A 130 28.64 6.12 14.87
C SER A 130 28.62 4.68 14.35
N CYS A 131 29.49 4.38 13.37
N CYS A 131 29.52 4.31 13.45
CA CYS A 131 29.64 3.13 12.62
CA CYS A 131 29.65 2.88 13.13
C CYS A 131 31.12 2.71 12.65
C CYS A 131 30.93 2.67 12.30
N PRO A 132 31.46 1.44 12.33
CA PRO A 132 32.90 1.17 12.09
C PRO A 132 33.40 1.47 10.66
N ASN A 133 34.60 2.08 10.62
CA ASN A 133 35.33 2.42 9.39
C ASN A 133 36.36 1.34 9.05
N VAL A 134 36.15 0.63 7.93
CA VAL A 134 37.10 -0.41 7.49
C VAL A 134 38.35 0.18 6.84
N LYS A 135 38.26 1.41 6.26
CA LYS A 135 39.41 2.20 5.80
C LYS A 135 40.30 2.72 6.99
N HIS A 136 40.07 2.18 8.21
CA HIS A 136 40.77 2.63 9.40
C HIS A 136 40.85 1.54 10.47
N GLY A 137 40.41 0.31 10.19
CA GLY A 137 40.51 -0.78 11.14
C GLY A 137 39.31 -0.98 12.03
N GLY A 138 38.12 -0.58 11.58
CA GLY A 138 36.93 -0.73 12.40
C GLY A 138 36.78 0.35 13.45
N GLN A 139 37.66 1.34 13.45
CA GLN A 139 37.50 2.51 14.31
C GLN A 139 36.27 3.31 13.87
N ALA A 140 35.59 3.94 14.83
CA ALA A 140 34.41 4.72 14.50
C ALA A 140 34.77 6.12 14.00
N PHE A 141 34.14 6.55 12.89
CA PHE A 141 34.34 7.90 12.37
C PHE A 141 34.10 8.94 13.45
N GLY A 142 33.24 8.65 14.40
CA GLY A 142 32.82 9.55 15.46
C GLY A 142 33.77 9.71 16.61
N THR A 143 34.97 9.12 16.54
CA THR A 143 35.95 9.25 17.61
C THR A 143 37.22 9.98 17.19
N ASP A 144 37.35 10.34 15.91
CA ASP A 144 38.52 11.07 15.43
C ASP A 144 38.07 12.37 14.78
N PRO A 145 38.35 13.53 15.39
CA PRO A 145 37.89 14.79 14.78
C PRO A 145 38.40 14.98 13.38
N ASP A 146 39.62 14.53 13.06
CA ASP A 146 40.14 14.76 11.72
C ASP A 146 39.35 13.96 10.69
N VAL A 147 39.20 12.65 10.92
CA VAL A 147 38.46 11.82 9.98
C VAL A 147 37.01 12.28 9.89
N ALA A 148 36.39 12.54 11.04
CA ALA A 148 35.00 12.95 11.04
C ALA A 148 34.82 14.25 10.25
N ALA A 149 35.76 15.17 10.41
CA ALA A 149 35.69 16.41 9.66
C ALA A 149 35.91 16.16 8.18
N ALA A 150 36.83 15.25 7.85
CA ALA A 150 36.97 14.81 6.45
C ALA A 150 35.64 14.29 5.92
N LEU A 151 35.04 13.33 6.64
CA LEU A 151 33.80 12.72 6.19
C LEU A 151 32.70 13.75 5.99
N VAL A 152 32.53 14.66 6.94
CA VAL A 152 31.50 15.68 6.79
C VAL A 152 31.81 16.59 5.61
N LYS A 153 33.06 17.02 5.49
CA LYS A 153 33.41 17.93 4.40
C LYS A 153 33.17 17.27 3.06
N ALA A 154 33.62 16.03 2.90
CA ALA A 154 33.34 15.28 1.68
C ALA A 154 31.84 15.20 1.42
N CYS A 155 31.06 14.82 2.43
CA CYS A 155 29.60 14.71 2.26
C CYS A 155 28.95 16.09 2.07
N LYS A 156 29.48 17.14 2.71
CA LYS A 156 28.88 18.46 2.58
C LYS A 156 28.85 18.91 1.12
N ALA A 157 29.83 18.46 0.33
CA ALA A 157 30.01 18.90 -1.04
C ALA A 157 28.89 18.42 -1.97
N VAL A 158 28.32 17.23 -1.73
CA VAL A 158 27.40 16.63 -2.69
C VAL A 158 25.94 16.79 -2.31
N SER A 159 25.64 17.33 -1.13
CA SER A 159 24.28 17.31 -0.58
C SER A 159 23.47 18.52 -1.00
N LYS A 160 22.27 18.27 -1.50
CA LYS A 160 21.32 19.31 -1.86
C LYS A 160 20.45 19.77 -0.67
N VAL A 161 20.70 19.27 0.54
CA VAL A 161 19.92 19.63 1.73
C VAL A 161 20.85 19.73 2.94
N PRO A 162 20.41 20.42 4.00
CA PRO A 162 21.31 20.67 5.14
C PRO A 162 21.71 19.38 5.85
N LEU A 163 22.95 19.39 6.36
CA LEU A 163 23.59 18.20 6.88
C LEU A 163 23.75 18.30 8.41
N TYR A 164 23.08 17.41 9.16
CA TYR A 164 23.30 17.33 10.60
C TYR A 164 24.15 16.09 10.89
N VAL A 165 25.00 16.18 11.90
CA VAL A 165 25.86 15.09 12.32
C VAL A 165 25.36 14.54 13.64
N LYS A 166 25.34 13.21 13.78
CA LYS A 166 24.81 12.55 14.98
C LYS A 166 25.98 12.02 15.80
N LEU A 167 26.16 12.58 16.99
CA LEU A 167 27.38 12.37 17.75
C LEU A 167 27.32 11.11 18.58
N SER A 168 28.42 10.42 18.63
CA SER A 168 28.51 9.28 19.53
C SER A 168 28.89 9.75 20.94
N PRO A 169 28.31 9.13 21.98
CA PRO A 169 28.67 9.51 23.36
C PRO A 169 29.85 8.74 23.93
N ASN A 170 30.33 7.73 23.23
CA ASN A 170 31.41 6.88 23.72
C ASN A 170 32.77 7.53 23.49
N VAL A 171 32.94 8.73 24.05
CA VAL A 171 34.17 9.48 23.89
C VAL A 171 34.69 9.95 25.24
N THR A 172 36.00 10.17 25.31
CA THR A 172 36.59 10.78 26.49
C THR A 172 36.19 12.26 26.57
N ASP A 173 36.46 13.00 25.50
CA ASP A 173 36.11 14.40 25.36
C ASP A 173 35.35 14.54 24.06
N ILE A 174 34.16 15.12 24.13
CA ILE A 174 33.31 15.24 22.95
C ILE A 174 33.47 16.59 22.28
N VAL A 175 34.09 17.55 22.95
CA VAL A 175 34.19 18.93 22.47
C VAL A 175 35.06 19.03 21.22
N PRO A 176 36.24 18.41 21.15
CA PRO A 176 36.98 18.52 19.87
C PRO A 176 36.15 18.08 18.66
N ILE A 177 35.32 17.03 18.80
CA ILE A 177 34.59 16.46 17.66
C ILE A 177 33.49 17.39 17.22
N ALA A 178 32.83 18.06 18.16
CA ALA A 178 31.77 18.95 17.72
C ALA A 178 32.36 20.19 17.07
N LYS A 179 33.41 20.76 17.68
CA LYS A 179 34.09 21.91 17.07
C LYS A 179 34.52 21.57 15.67
N ALA A 180 35.13 20.39 15.49
CA ALA A 180 35.60 19.97 14.17
C ALA A 180 34.44 19.84 13.18
N VAL A 181 33.35 19.19 13.62
CA VAL A 181 32.21 18.93 12.75
C VAL A 181 31.48 20.22 12.39
N GLU A 182 31.38 21.16 13.34
CA GLU A 182 30.77 22.44 12.99
C GLU A 182 31.62 23.19 11.97
N ALA A 183 32.94 23.15 12.11
CA ALA A 183 33.83 23.81 11.16
C ALA A 183 33.91 23.09 9.82
N ALA A 184 33.35 21.89 9.71
CA ALA A 184 33.38 21.19 8.45
C ALA A 184 32.16 21.49 7.62
N GLY A 185 31.21 22.24 8.17
CA GLY A 185 30.06 22.72 7.45
C GLY A 185 28.74 22.13 7.88
N ALA A 186 28.70 21.35 8.95
CA ALA A 186 27.43 20.83 9.45
C ALA A 186 26.50 21.98 9.85
N ASP A 187 25.24 21.85 9.43
CA ASP A 187 24.19 22.82 9.73
C ASP A 187 23.52 22.57 11.06
N GLY A 188 23.73 21.39 11.67
CA GLY A 188 23.11 21.06 12.93
C GLY A 188 23.74 19.80 13.50
N LEU A 189 23.33 19.47 14.73
CA LEU A 189 23.81 18.25 15.37
C LEU A 189 22.61 17.52 15.97
N THR A 190 22.70 16.20 15.96
CA THR A 190 21.83 15.39 16.79
C THR A 190 22.72 14.59 17.73
N MET A 191 22.27 14.45 18.97
CA MET A 191 22.95 13.66 19.97
C MET A 191 21.93 13.29 21.02
N ILE A 192 22.05 12.09 21.58
CA ILE A 192 23.16 11.20 21.30
C ILE A 192 22.70 9.90 20.66
N ASN A 193 23.62 9.23 19.99
CA ASN A 193 23.46 7.82 19.70
C ASN A 193 23.67 7.01 21.00
N THR A 194 23.78 5.70 20.89
CA THR A 194 23.74 4.87 22.08
C THR A 194 25.11 4.71 22.73
N LEU A 195 25.09 4.40 24.02
CA LEU A 195 26.26 3.92 24.74
C LEU A 195 26.44 2.43 24.45
N MET A 196 27.51 1.85 24.97
CA MET A 196 27.88 0.46 24.73
C MET A 196 27.68 -0.37 25.98
N GLY A 197 26.89 -1.43 25.87
CA GLY A 197 26.62 -2.32 26.99
C GLY A 197 26.69 -3.76 26.58
N VAL A 198 26.67 -4.64 27.58
CA VAL A 198 26.65 -6.09 27.38
C VAL A 198 25.76 -6.74 28.43
N ARG A 199 25.00 -7.76 28.04
CA ARG A 199 24.33 -8.62 28.99
C ARG A 199 24.84 -10.06 28.83
N PHE A 200 24.88 -10.80 29.94
CA PHE A 200 25.28 -12.20 29.94
C PHE A 200 24.11 -13.06 30.36
N ASP A 201 23.98 -14.21 29.72
CA ASP A 201 22.99 -15.21 30.09
C ASP A 201 23.54 -16.03 31.26
N LEU A 202 22.79 -16.09 32.35
CA LEU A 202 23.29 -16.86 33.48
C LEU A 202 23.34 -18.35 33.16
N LYS A 203 22.43 -18.83 32.30
CA LYS A 203 22.37 -20.26 32.00
C LYS A 203 23.49 -20.69 31.05
N THR A 204 23.67 -19.97 29.94
CA THR A 204 24.72 -20.37 28.98
C THR A 204 26.07 -19.74 29.26
N ARG A 205 26.13 -18.66 30.05
CA ARG A 205 27.33 -17.91 30.38
C ARG A 205 27.90 -17.16 29.18
N LYS A 206 27.17 -17.09 28.10
CA LYS A 206 27.57 -16.33 26.94
C LYS A 206 26.77 -15.02 26.88
N PRO A 207 27.29 -14.02 26.17
CA PRO A 207 26.53 -12.77 25.97
C PRO A 207 25.17 -13.06 25.37
N VAL A 208 24.17 -12.29 25.80
CA VAL A 208 22.83 -12.59 25.30
C VAL A 208 22.66 -12.07 23.88
N LEU A 209 23.42 -11.05 23.49
CA LEU A 209 23.39 -10.57 22.11
C LEU A 209 24.42 -11.34 21.29
N ALA A 210 24.01 -11.80 20.10
CA ALA A 210 24.98 -12.46 19.23
C ALA A 210 26.18 -11.56 19.01
N ASN A 211 25.94 -10.26 18.82
CA ASN A 211 27.03 -9.35 18.57
C ASN A 211 27.87 -9.06 19.83
N ILE A 212 27.56 -9.69 20.96
CA ILE A 212 28.26 -9.49 22.23
C ILE A 212 27.95 -8.11 22.79
N THR A 213 28.46 -7.06 22.15
CA THR A 213 28.18 -5.68 22.54
C THR A 213 27.00 -5.13 21.76
N GLY A 214 26.28 -4.20 22.40
CA GLY A 214 25.16 -3.55 21.78
C GLY A 214 24.91 -2.17 22.35
N GLY A 215 24.08 -1.42 21.62
CA GLY A 215 23.83 -0.04 21.97
C GLY A 215 22.82 0.07 23.07
N LEU A 216 23.17 0.82 24.12
CA LEU A 216 22.33 1.06 25.29
C LEU A 216 21.52 2.34 25.10
N SER A 217 20.23 2.27 25.37
CA SER A 217 19.32 3.41 25.19
C SER A 217 18.20 3.33 26.22
N GLY A 218 17.30 4.31 26.19
CA GLY A 218 16.22 4.33 27.14
C GLY A 218 16.51 5.36 28.22
N PRO A 219 15.58 5.50 29.19
CA PRO A 219 15.75 6.51 30.25
C PRO A 219 17.02 6.36 31.06
N ALA A 220 17.61 5.17 31.07
CA ALA A 220 18.87 4.98 31.76
C ALA A 220 19.93 5.97 31.27
N ILE A 221 19.88 6.37 30.00
CA ILE A 221 20.94 7.20 29.43
C ILE A 221 20.59 8.69 29.39
N LYS A 222 19.38 9.08 29.81
CA LYS A 222 19.04 10.50 29.79
C LYS A 222 20.04 11.38 30.50
N PRO A 223 20.59 11.03 31.68
CA PRO A 223 21.59 11.93 32.27
C PRO A 223 22.83 12.07 31.41
N VAL A 224 23.30 10.99 30.79
CA VAL A 224 24.46 11.09 29.92
C VAL A 224 24.16 11.98 28.72
N ALA A 225 22.97 11.82 28.14
CA ALA A 225 22.60 12.68 27.01
C ALA A 225 22.56 14.14 27.43
N LEU A 226 21.89 14.44 28.54
CA LEU A 226 21.81 15.82 29.01
C LEU A 226 23.20 16.41 29.23
N LYS A 227 24.12 15.64 29.83
CA LYS A 227 25.44 16.18 30.10
C LYS A 227 26.20 16.51 28.81
N LEU A 228 26.15 15.61 27.84
CA LEU A 228 26.88 15.88 26.60
C LEU A 228 26.18 16.93 25.75
N ILE A 229 24.85 17.00 25.79
CA ILE A 229 24.16 18.07 25.08
C ILE A 229 24.51 19.41 25.71
N HIS A 230 24.48 19.50 27.04
CA HIS A 230 24.89 20.73 27.71
C HIS A 230 26.35 21.08 27.39
N GLN A 231 27.25 20.09 27.43
CA GLN A 231 28.66 20.32 27.11
C GLN A 231 28.85 20.88 25.71
N VAL A 232 28.22 20.26 24.70
CA VAL A 232 28.44 20.71 23.33
C VAL A 232 27.77 22.07 23.10
N ALA A 233 26.59 22.30 23.71
CA ALA A 233 25.87 23.55 23.45
C ALA A 233 26.67 24.80 23.82
N GLN A 234 27.67 24.68 24.70
CA GLN A 234 28.52 25.81 25.10
C GLN A 234 29.67 26.04 24.11
N VAL A 235 29.68 25.34 22.98
CA VAL A 235 30.90 25.20 22.19
C VAL A 235 30.61 25.37 20.69
N VAL A 236 29.33 25.29 20.31
CA VAL A 236 28.91 25.39 18.92
C VAL A 236 27.72 26.34 18.84
N ASP A 237 27.51 26.90 17.65
CA ASP A 237 26.36 27.76 17.41
C ASP A 237 25.27 27.11 16.58
N ILE A 238 25.55 25.98 15.93
CA ILE A 238 24.56 25.25 15.16
C ILE A 238 23.61 24.60 16.14
N PRO A 239 22.32 24.49 15.79
CA PRO A 239 21.34 23.96 16.75
C PRO A 239 21.48 22.46 16.93
N ILE A 240 20.95 21.96 18.05
CA ILE A 240 21.11 20.56 18.43
C ILE A 240 19.74 19.93 18.56
N ILE A 241 19.56 18.80 17.88
CA ILE A 241 18.40 17.93 18.12
C ILE A 241 18.80 16.88 19.15
N GLY A 242 18.26 17.01 20.35
CA GLY A 242 18.64 16.15 21.47
C GLY A 242 17.79 14.89 21.56
N MET A 243 18.43 13.80 21.97
CA MET A 243 17.74 12.54 22.16
C MET A 243 18.57 11.69 23.12
N GLY A 244 17.89 10.73 23.75
CA GLY A 244 18.46 9.84 24.73
C GLY A 244 17.51 9.65 25.90
N GLY A 245 16.67 8.63 25.81
CA GLY A 245 15.86 8.30 26.98
C GLY A 245 14.66 9.18 27.22
N VAL A 246 14.29 10.01 26.25
CA VAL A 246 13.13 10.86 26.41
C VAL A 246 11.88 9.98 26.43
N GLU A 247 11.05 10.17 27.46
CA GLU A 247 9.76 9.52 27.55
C GLU A 247 8.60 10.48 27.88
N SER A 248 8.86 11.74 28.21
CA SER A 248 7.76 12.60 28.67
C SER A 248 7.94 14.02 28.17
N ALA A 249 6.84 14.79 28.23
CA ALA A 249 6.95 16.21 27.95
C ALA A 249 7.95 16.87 28.90
N GLN A 250 7.92 16.46 30.18
CA GLN A 250 8.97 16.88 31.13
C GLN A 250 10.36 16.59 30.58
N ASP A 251 10.58 15.36 30.09
CA ASP A 251 11.89 15.04 29.51
C ASP A 251 12.21 15.94 28.33
N VAL A 252 11.21 16.22 27.48
CA VAL A 252 11.44 17.12 26.35
C VAL A 252 11.91 18.48 26.84
N LEU A 253 11.16 19.06 27.79
CA LEU A 253 11.52 20.37 28.32
C LEU A 253 12.92 20.38 28.94
N GLU A 254 13.30 19.31 29.63
CA GLU A 254 14.64 19.26 30.20
C GLU A 254 15.70 19.29 29.11
N MET A 255 15.47 18.56 28.01
CA MET A 255 16.34 18.68 26.85
C MET A 255 16.46 20.12 26.40
N TYR A 256 15.39 20.92 26.54
CA TYR A 256 15.50 22.32 26.16
C TYR A 256 16.41 23.08 27.12
N MET A 257 16.23 22.89 28.43
CA MET A 257 17.15 23.50 29.40
C MET A 257 18.60 23.13 29.14
N ALA A 258 18.84 21.98 28.49
CA ALA A 258 20.21 21.63 28.14
C ALA A 258 20.69 22.35 26.88
N GLY A 259 19.78 22.88 26.07
CA GLY A 259 20.16 23.51 24.83
C GLY A 259 19.71 22.81 23.55
N ALA A 260 18.78 21.86 23.62
CA ALA A 260 18.23 21.23 22.42
C ALA A 260 17.15 22.11 21.80
N SER A 261 16.99 22.01 20.48
CA SER A 261 15.94 22.77 19.79
C SER A 261 14.74 21.93 19.43
N ALA A 262 14.95 20.65 19.11
CA ALA A 262 13.88 19.68 19.00
C ALA A 262 14.35 18.40 19.63
N VAL A 263 13.42 17.51 19.92
CA VAL A 263 13.69 16.32 20.71
C VAL A 263 13.27 15.10 19.90
N ALA A 264 14.20 14.16 19.75
CA ALA A 264 13.91 12.88 19.12
C ALA A 264 13.63 11.84 20.19
N VAL A 265 12.64 11.00 19.91
CA VAL A 265 12.13 10.00 20.83
C VAL A 265 12.25 8.66 20.15
N GLY A 266 13.04 7.76 20.73
CA GLY A 266 13.34 6.53 20.06
C GLY A 266 12.86 5.29 20.76
N THR A 267 13.58 4.85 21.80
CA THR A 267 13.25 3.58 22.48
C THR A 267 11.85 3.60 23.08
N ALA A 268 11.40 4.75 23.54
CA ALA A 268 10.09 4.86 24.21
C ALA A 268 8.93 4.37 23.33
N ASN A 269 9.02 4.48 22.00
CA ASN A 269 7.92 4.03 21.16
C ASN A 269 7.63 2.55 21.36
N PHE A 270 8.64 1.75 21.73
CA PHE A 270 8.46 0.32 21.91
C PHE A 270 7.59 0.01 23.12
N ALA A 271 7.65 0.83 24.15
CA ALA A 271 6.83 0.58 25.32
C ALA A 271 5.43 1.15 25.12
N ASP A 272 5.34 2.35 24.54
CA ASP A 272 4.07 3.03 24.31
C ASP A 272 3.99 3.54 22.87
N PRO A 273 3.28 2.83 21.98
CA PRO A 273 3.28 3.22 20.55
C PRO A 273 2.78 4.63 20.32
N PHE A 274 1.93 5.10 21.22
CA PHE A 274 1.35 6.41 21.15
C PHE A 274 2.17 7.47 21.87
N VAL A 275 3.39 7.14 22.31
CA VAL A 275 4.12 8.06 23.18
C VAL A 275 4.42 9.37 22.47
N CYS A 276 4.59 9.33 21.14
CA CYS A 276 4.96 10.58 20.49
C CYS A 276 3.76 11.51 20.30
N PRO A 277 2.59 11.04 19.84
CA PRO A 277 1.39 11.89 19.96
C PRO A 277 1.01 12.20 21.40
N LYS A 278 1.17 11.25 22.32
CA LYS A 278 0.84 11.49 23.73
C LYS A 278 1.61 12.67 24.29
N ILE A 279 2.91 12.73 24.01
CA ILE A 279 3.77 13.79 24.52
C ILE A 279 3.37 15.12 23.92
N ILE A 280 3.00 15.13 22.63
CA ILE A 280 2.72 16.35 21.89
C ILE A 280 1.47 17.04 22.41
N GLU A 281 0.46 16.25 22.80
CA GLU A 281 -0.75 16.87 23.30
C GLU A 281 -0.61 17.21 24.77
N LYS A 282 0.38 16.62 25.43
CA LYS A 282 0.64 16.88 26.83
C LYS A 282 1.61 18.05 27.02
N LEU A 283 2.36 18.41 25.98
CA LEU A 283 3.38 19.46 26.11
C LEU A 283 2.82 20.81 26.57
N PRO A 284 1.71 21.34 26.05
CA PRO A 284 1.35 22.71 26.46
C PRO A 284 0.98 22.82 27.93
N GLU A 285 0.20 21.88 28.45
CA GLU A 285 -0.08 21.90 29.89
C GLU A 285 1.20 21.86 30.72
N VAL A 286 2.19 21.07 30.30
CA VAL A 286 3.43 20.98 31.07
C VAL A 286 4.24 22.25 30.93
N MET A 287 4.16 22.92 29.77
CA MET A 287 4.86 24.19 29.61
C MET A 287 4.23 25.28 30.46
N ASP A 288 2.90 25.23 30.61
CA ASP A 288 2.23 26.17 31.49
C ASP A 288 2.65 25.94 32.94
N GLN A 289 2.77 24.68 33.35
CA GLN A 289 3.15 24.36 34.72
C GLN A 289 4.47 25.03 35.12
N TYR A 290 5.38 25.22 34.15
CA TYR A 290 6.72 25.75 34.39
C TYR A 290 6.92 27.10 33.72
N GLY A 291 5.82 27.78 33.40
CA GLY A 291 5.83 29.16 32.92
C GLY A 291 6.57 29.41 31.63
N ILE A 292 6.42 28.52 30.65
CA ILE A 292 7.13 28.64 29.38
C ILE A 292 6.20 29.14 28.29
N ASP A 293 6.70 30.11 27.54
CA ASP A 293 6.02 30.84 26.49
C ASP A 293 5.73 29.91 25.32
N SER A 294 6.77 29.75 24.52
CA SER A 294 6.79 28.97 23.31
C SER A 294 8.14 28.29 23.28
N LEU A 295 8.24 27.21 22.51
CA LEU A 295 9.55 26.59 22.43
C LEU A 295 10.52 27.50 21.69
N GLU A 296 10.05 28.27 20.71
CA GLU A 296 10.97 29.18 20.03
C GLU A 296 11.60 30.17 21.01
N ASN A 297 10.80 30.72 21.93
CA ASN A 297 11.35 31.57 22.98
C ASN A 297 12.35 30.83 23.84
N LEU A 298 11.92 29.69 24.39
CA LEU A 298 12.76 28.94 25.32
C LEU A 298 14.15 28.68 24.74
N ILE A 299 14.22 28.35 23.44
CA ILE A 299 15.52 28.16 22.79
C ILE A 299 16.37 29.41 22.96
N GLN A 300 15.76 30.59 22.81
CA GLN A 300 16.48 31.85 22.91
C GLN A 300 16.83 32.20 24.35
N GLU A 301 15.89 32.01 25.29
CA GLU A 301 16.17 32.28 26.70
C GLU A 301 17.31 31.38 27.20
N VAL A 302 17.22 30.07 26.93
CA VAL A 302 18.31 29.15 27.29
C VAL A 302 19.61 29.51 26.59
N LYS A 303 19.54 29.91 25.32
CA LYS A 303 20.78 30.20 24.59
C LYS A 303 21.50 31.37 25.22
N ASN A 304 20.75 32.35 25.73
CA ASN A 304 21.28 33.55 26.36
C ASN A 304 21.56 33.42 27.85
N SER A 305 21.30 32.27 28.48
CA SER A 305 21.48 32.20 29.94
C SER A 305 22.95 32.11 30.33
N LYS A 306 23.73 31.19 29.76
CA LYS A 306 23.34 30.10 28.86
C LYS A 306 23.33 28.76 29.63
N MET B 1 -12.45 1.47 17.01
CA MET B 1 -12.24 0.44 15.98
C MET B 1 -10.71 0.20 15.74
N PRO B 2 -10.31 -1.07 15.39
CA PRO B 2 -8.92 -1.52 15.59
C PRO B 2 -8.17 -0.79 16.69
N LYS B 3 -8.43 -1.19 17.95
CA LYS B 3 -7.94 -0.48 19.13
C LYS B 3 -6.42 -0.54 19.27
N LEU B 4 -5.80 -1.68 18.95
CA LEU B 4 -4.35 -1.85 18.97
C LEU B 4 -3.76 -1.92 20.38
N GLN B 5 -4.28 -1.15 21.33
CA GLN B 5 -3.75 -1.16 22.69
C GLN B 5 -4.88 -0.90 23.69
N GLU B 6 -4.80 -1.50 24.89
CA GLU B 6 -5.88 -1.39 25.87
C GLU B 6 -5.40 -1.80 27.26
N MET B 7 -5.91 -1.13 28.30
CA MET B 7 -5.74 -1.56 29.69
C MET B 7 -6.82 -2.60 30.00
N MET B 8 -6.47 -3.87 29.88
CA MET B 8 -7.39 -4.95 30.13
C MET B 8 -7.49 -5.25 31.62
N THR B 9 -8.55 -5.95 32.01
CA THR B 9 -8.74 -6.35 33.41
C THR B 9 -8.42 -7.83 33.54
N ILE B 10 -7.66 -8.16 34.58
CA ILE B 10 -7.39 -9.55 34.89
C ILE B 10 -8.65 -10.11 35.54
N VAL B 11 -9.22 -11.14 34.92
CA VAL B 11 -10.38 -11.77 35.50
C VAL B 11 -9.95 -12.70 36.60
N SER B 12 -8.87 -13.43 36.36
CA SER B 12 -8.26 -14.29 37.35
C SER B 12 -6.83 -14.61 36.94
N GLN B 13 -6.09 -15.13 37.91
CA GLN B 13 -4.77 -15.62 37.63
C GLN B 13 -4.45 -16.68 38.68
N ARG B 14 -4.08 -17.87 38.22
CA ARG B 14 -3.64 -18.92 39.12
C ARG B 14 -2.49 -19.71 38.48
N GLU B 15 -1.72 -20.37 39.34
CA GLU B 15 -0.55 -21.12 38.91
C GLU B 15 -0.99 -22.54 38.59
N VAL B 16 -1.16 -22.84 37.31
CA VAL B 16 -1.73 -24.11 36.89
C VAL B 16 -0.68 -25.19 36.68
N ALA B 17 0.60 -24.85 36.74
CA ALA B 17 1.68 -25.84 36.73
C ALA B 17 2.90 -25.15 37.30
N SER B 18 3.97 -25.91 37.44
CA SER B 18 5.19 -25.38 38.05
C SER B 18 5.67 -24.14 37.29
N ASN B 19 5.50 -22.97 37.90
CA ASN B 19 5.93 -21.67 37.35
C ASN B 19 5.23 -21.31 36.07
N ILE B 20 4.04 -21.84 35.83
CA ILE B 20 3.29 -21.51 34.63
C ILE B 20 1.92 -21.00 35.07
N PHE B 21 1.64 -19.76 34.74
CA PHE B 21 0.45 -19.07 35.21
C PHE B 21 -0.54 -18.92 34.08
N GLU B 22 -1.80 -19.06 34.42
CA GLU B 22 -2.90 -18.86 33.50
C GLU B 22 -3.62 -17.60 33.95
N MET B 23 -3.69 -16.63 33.05
CA MET B 23 -4.30 -15.34 33.28
C MET B 23 -5.45 -15.18 32.30
N VAL B 24 -6.62 -14.78 32.81
CA VAL B 24 -7.78 -14.52 31.96
C VAL B 24 -8.05 -13.03 31.95
N LEU B 25 -8.10 -12.45 30.76
CA LEU B 25 -8.10 -11.00 30.59
C LEU B 25 -9.41 -10.59 29.94
N LYS B 26 -10.04 -9.55 30.47
CA LYS B 26 -11.29 -9.01 29.93
C LYS B 26 -11.03 -7.64 29.33
N GLY B 27 -11.51 -7.44 28.11
CA GLY B 27 -11.41 -6.14 27.47
C GLY B 27 -11.94 -6.22 26.06
N GLU B 28 -11.98 -5.06 25.40
CA GLU B 28 -12.49 -5.03 24.03
C GLU B 28 -11.47 -5.43 22.98
N LEU B 29 -10.24 -5.76 23.36
CA LEU B 29 -9.33 -6.33 22.35
C LEU B 29 -9.83 -7.66 21.82
N VAL B 30 -10.59 -8.41 22.64
CA VAL B 30 -11.06 -9.75 22.27
C VAL B 30 -11.93 -9.75 21.00
N GLU B 31 -12.75 -8.70 20.80
CA GLU B 31 -13.60 -8.72 19.60
C GLU B 31 -12.78 -8.61 18.33
N GLU B 32 -11.53 -8.22 18.44
CA GLU B 32 -10.65 -8.05 17.28
C GLU B 32 -9.93 -9.34 16.91
N MET B 33 -10.01 -10.37 17.73
CA MET B 33 -9.26 -11.61 17.50
C MET B 33 -9.95 -12.48 16.46
N ASP B 34 -9.14 -13.12 15.62
CA ASP B 34 -9.67 -13.94 14.54
C ASP B 34 -8.90 -15.26 14.44
N LEU B 35 -7.76 -15.24 13.75
CA LEU B 35 -6.99 -16.47 13.56
C LEU B 35 -6.35 -16.91 14.87
N PRO B 36 -6.27 -18.22 15.13
CA PRO B 36 -5.53 -18.69 16.28
C PRO B 36 -4.05 -18.44 16.07
N GLY B 37 -3.33 -18.26 17.18
CA GLY B 37 -1.89 -18.13 17.08
C GLY B 37 -1.39 -16.70 17.00
N GLN B 38 -2.27 -15.71 17.17
CA GLN B 38 -1.76 -14.37 17.38
C GLN B 38 -1.25 -14.25 18.81
N PHE B 39 -0.61 -13.12 19.12
CA PHE B 39 -0.04 -12.95 20.45
C PHE B 39 -0.36 -11.56 21.00
N LEU B 40 -0.10 -11.42 22.29
CA LEU B 40 -0.22 -10.16 23.00
C LEU B 40 1.16 -9.68 23.41
N HIS B 41 1.36 -8.37 23.36
CA HIS B 41 2.59 -7.71 23.80
C HIS B 41 2.29 -7.04 25.14
N LEU B 42 2.69 -7.68 26.22
CA LEU B 42 2.32 -7.29 27.57
C LEU B 42 3.39 -6.40 28.19
N ALA B 43 2.97 -5.31 28.82
CA ALA B 43 3.85 -4.47 29.61
C ALA B 43 3.96 -5.01 31.03
N VAL B 44 5.18 -5.09 31.54
CA VAL B 44 5.45 -5.48 32.93
C VAL B 44 5.09 -4.34 33.89
N PRO B 45 4.42 -4.63 35.02
CA PRO B 45 4.22 -3.61 36.04
C PRO B 45 5.51 -3.34 36.81
N ASN B 46 6.48 -2.77 36.12
CA ASN B 46 7.79 -2.51 36.71
C ASN B 46 8.43 -1.50 35.79
N ALA B 47 8.50 -0.24 36.22
CA ALA B 47 8.91 0.85 35.34
C ALA B 47 10.34 0.71 34.87
N SER B 48 11.13 -0.16 35.47
CA SER B 48 12.50 -0.33 35.00
C SER B 48 12.61 -1.31 33.84
N MET B 49 11.52 -1.99 33.50
CA MET B 49 11.47 -3.00 32.43
C MET B 49 10.57 -2.47 31.31
N LEU B 50 11.19 -1.84 30.32
CA LEU B 50 10.42 -1.12 29.30
C LEU B 50 9.95 -1.98 28.13
N LEU B 51 10.64 -3.07 27.84
CA LEU B 51 10.25 -3.92 26.71
C LEU B 51 9.06 -4.81 27.08
N ARG B 52 8.12 -4.92 26.16
CA ARG B 52 6.94 -5.72 26.43
C ARG B 52 7.28 -7.20 26.31
N ARG B 53 6.51 -8.02 27.02
CA ARG B 53 6.68 -9.46 27.02
C ARG B 53 5.69 -10.07 26.05
N PRO B 54 6.13 -10.71 24.96
CA PRO B 54 5.16 -11.29 24.01
C PRO B 54 4.69 -12.70 24.37
N ILE B 55 3.37 -12.89 24.47
CA ILE B 55 2.79 -14.14 24.95
C ILE B 55 1.63 -14.54 24.03
N SER B 56 1.65 -15.79 23.58
CA SER B 56 0.63 -16.32 22.67
C SER B 56 -0.77 -16.27 23.28
N ILE B 57 -1.77 -16.16 22.42
CA ILE B 57 -3.15 -16.29 22.85
C ILE B 57 -3.50 -17.77 22.95
N SER B 58 -3.97 -18.18 24.13
CA SER B 58 -4.31 -19.59 24.28
C SER B 58 -5.73 -19.85 23.78
N SER B 59 -6.69 -19.02 24.18
CA SER B 59 -8.07 -19.16 23.73
C SER B 59 -8.79 -17.89 24.11
N TRP B 60 -9.96 -17.68 23.52
CA TRP B 60 -10.78 -16.55 23.89
C TRP B 60 -12.25 -16.91 23.83
N ASP B 61 -13.08 -16.00 24.34
CA ASP B 61 -14.53 -16.15 24.43
C ASP B 61 -15.11 -14.81 23.99
N LYS B 62 -15.59 -14.76 22.75
CA LYS B 62 -15.95 -13.47 22.18
C LYS B 62 -17.09 -12.81 22.95
N VAL B 63 -18.06 -13.62 23.38
CA VAL B 63 -19.24 -13.09 24.10
C VAL B 63 -18.85 -12.65 25.50
N ALA B 64 -18.07 -13.47 26.21
CA ALA B 64 -17.59 -13.12 27.54
C ALA B 64 -16.62 -11.95 27.51
N LYS B 65 -16.12 -11.58 26.33
CA LYS B 65 -15.17 -10.48 26.15
C LYS B 65 -13.85 -10.76 26.86
N THR B 66 -13.43 -12.05 26.92
CA THR B 66 -12.21 -12.42 27.63
C THR B 66 -11.34 -13.33 26.75
N CYS B 67 -10.04 -13.22 26.95
CA CYS B 67 -9.07 -14.15 26.37
C CYS B 67 -8.21 -14.75 27.48
N THR B 68 -7.52 -15.83 27.14
CA THR B 68 -6.76 -16.62 28.10
C THR B 68 -5.34 -16.79 27.56
N ILE B 69 -4.37 -16.70 28.47
CA ILE B 69 -2.96 -16.90 28.14
C ILE B 69 -2.34 -17.78 29.21
N LEU B 70 -1.26 -18.46 28.84
CA LEU B 70 -0.55 -19.32 29.78
C LEU B 70 0.94 -19.09 29.56
N TYR B 71 1.64 -18.65 30.60
CA TYR B 71 3.03 -18.24 30.45
C TYR B 71 3.88 -18.75 31.61
N ARG B 72 5.15 -19.02 31.31
CA ARG B 72 6.16 -19.39 32.29
C ARG B 72 6.87 -18.13 32.83
N ILE B 73 7.22 -18.16 34.13
CA ILE B 73 7.95 -17.05 34.74
C ILE B 73 9.41 -17.45 34.92
N GLY B 74 10.26 -16.44 35.06
CA GLY B 74 11.67 -16.60 35.35
C GLY B 74 11.90 -16.52 36.84
N ASP B 75 13.08 -16.07 37.24
CA ASP B 75 13.33 -15.99 38.68
C ASP B 75 12.75 -14.67 39.21
N GLU B 76 13.03 -14.37 40.47
CA GLU B 76 12.45 -13.19 41.10
C GLU B 76 12.93 -11.89 40.46
N THR B 77 14.01 -11.89 39.68
CA THR B 77 14.39 -10.70 38.92
C THR B 77 13.70 -10.63 37.55
N SER B 78 12.94 -11.65 37.17
CA SER B 78 12.31 -11.67 35.85
C SER B 78 11.03 -10.83 35.86
N GLY B 79 10.71 -10.31 34.67
CA GLY B 79 9.52 -9.49 34.50
C GLY B 79 8.23 -10.28 34.49
N THR B 80 8.28 -11.53 33.98
CA THR B 80 7.08 -12.37 34.04
C THR B 80 6.73 -12.70 35.48
N TYR B 81 7.75 -12.85 36.32
CA TYR B 81 7.51 -13.04 37.74
C TYR B 81 6.65 -11.92 38.28
N GLU B 82 6.99 -10.68 37.93
CA GLU B 82 6.22 -9.53 38.37
C GLU B 82 4.78 -9.61 37.87
N ILE B 83 4.59 -10.11 36.64
CA ILE B 83 3.26 -10.20 36.08
C ILE B 83 2.41 -11.17 36.89
N SER B 84 3.03 -12.22 37.42
CA SER B 84 2.28 -13.18 38.20
C SER B 84 1.87 -12.64 39.55
N LYS B 85 2.53 -11.59 40.03
CA LYS B 85 2.11 -11.01 41.30
C LYS B 85 0.87 -10.15 41.15
N LEU B 86 0.52 -9.77 39.93
CA LEU B 86 -0.75 -9.08 39.71
C LEU B 86 -1.88 -9.99 40.14
N GLN B 87 -3.01 -9.39 40.44
CA GLN B 87 -4.09 -10.11 41.06
C GLN B 87 -5.41 -9.74 40.39
N SER B 88 -6.43 -10.54 40.67
CA SER B 88 -7.76 -10.31 40.11
C SER B 88 -8.19 -8.87 40.36
N GLY B 89 -8.69 -8.21 39.32
CA GLY B 89 -9.06 -6.81 39.37
C GLY B 89 -8.05 -5.86 38.77
N ALA B 90 -6.77 -6.19 38.87
CA ALA B 90 -5.72 -5.33 38.33
C ALA B 90 -5.91 -5.11 36.83
N LYS B 91 -5.42 -3.98 36.35
CA LYS B 91 -5.33 -3.74 34.92
C LYS B 91 -3.92 -4.08 34.44
N ILE B 92 -3.80 -4.50 33.18
CA ILE B 92 -2.50 -4.79 32.56
C ILE B 92 -2.46 -4.17 31.18
N ASP B 93 -1.32 -3.55 30.85
CA ASP B 93 -1.17 -2.81 29.59
C ASP B 93 -0.85 -3.77 28.45
N VAL B 94 -1.76 -3.86 27.49
CA VAL B 94 -1.70 -4.86 26.42
C VAL B 94 -1.68 -4.17 25.07
N MET B 95 -0.80 -4.62 24.18
CA MET B 95 -0.92 -4.37 22.76
C MET B 95 -1.40 -5.65 22.10
N GLY B 96 -2.39 -5.55 21.21
CA GLY B 96 -2.79 -6.69 20.44
C GLY B 96 -4.20 -6.63 19.91
N PRO B 97 -4.66 -7.69 19.23
CA PRO B 97 -3.87 -8.87 18.84
C PRO B 97 -2.86 -8.61 17.73
N LEU B 98 -1.76 -9.34 17.74
CA LEU B 98 -0.65 -9.05 16.86
C LEU B 98 -0.23 -10.30 16.11
N GLY B 99 0.11 -10.11 14.84
CA GLY B 99 0.80 -11.11 14.06
C GLY B 99 -0.10 -11.83 13.08
N ASN B 100 0.54 -12.70 12.31
CA ASN B 100 -0.16 -13.65 11.44
C ASN B 100 -0.25 -14.97 12.15
N GLY B 101 -1.47 -15.41 12.40
CA GLY B 101 -1.73 -16.64 13.09
C GLY B 101 -1.76 -17.85 12.20
N PHE B 102 -2.34 -18.92 12.73
CA PHE B 102 -2.54 -20.18 12.02
C PHE B 102 -3.73 -20.08 11.07
N PRO B 103 -3.55 -20.25 9.77
CA PRO B 103 -4.70 -20.31 8.85
C PRO B 103 -5.54 -21.57 9.10
N VAL B 104 -6.88 -21.40 9.07
CA VAL B 104 -7.81 -22.50 9.28
C VAL B 104 -8.92 -22.52 8.24
N ASP B 105 -8.92 -21.59 7.28
CA ASP B 105 -10.01 -21.44 6.32
C ASP B 105 -10.16 -22.66 5.43
N GLU B 106 -9.08 -23.02 4.74
CA GLU B 106 -9.08 -24.04 3.71
C GLU B 106 -9.08 -25.45 4.23
N VAL B 107 -9.47 -25.65 5.48
CA VAL B 107 -9.48 -26.98 6.09
C VAL B 107 -10.91 -27.50 6.05
N VAL B 108 -11.06 -28.78 5.67
CA VAL B 108 -12.37 -29.38 5.53
C VAL B 108 -12.32 -30.82 6.05
N SER B 109 -13.49 -31.30 6.49
CA SER B 109 -13.68 -32.51 7.30
C SER B 109 -13.00 -33.77 6.77
N THR B 110 -12.53 -33.76 5.52
CA THR B 110 -11.90 -34.96 4.98
C THR B 110 -10.41 -35.02 5.29
N ASP B 111 -9.72 -33.90 5.28
CA ASP B 111 -8.28 -33.93 5.50
C ASP B 111 -7.96 -34.12 6.99
N LYS B 112 -6.87 -34.84 7.24
CA LYS B 112 -6.51 -35.32 8.56
C LYS B 112 -5.40 -34.45 9.14
N ILE B 113 -5.67 -33.83 10.28
CA ILE B 113 -4.83 -32.79 10.87
C ILE B 113 -3.96 -33.37 11.98
N LEU B 114 -2.66 -33.08 11.92
CA LEU B 114 -1.71 -33.44 12.97
C LEU B 114 -1.25 -32.16 13.63
N ILE B 115 -1.18 -32.17 14.97
CA ILE B 115 -0.79 -31.02 15.77
C ILE B 115 0.28 -31.47 16.74
N VAL B 116 1.40 -30.78 16.74
CA VAL B 116 2.52 -31.13 17.59
C VAL B 116 2.82 -29.92 18.45
N GLY B 117 3.03 -30.13 19.74
CA GLY B 117 3.27 -29.03 20.64
C GLY B 117 4.15 -29.48 21.78
N GLY B 118 4.88 -28.53 22.34
CA GLY B 118 5.74 -28.82 23.47
C GLY B 118 5.85 -27.62 24.38
N GLY B 119 6.15 -27.90 25.65
CA GLY B 119 6.45 -26.85 26.62
C GLY B 119 5.40 -25.76 26.63
N ILE B 120 5.86 -24.52 26.53
CA ILE B 120 4.99 -23.35 26.50
C ILE B 120 4.64 -23.00 25.06
N GLY B 121 4.93 -23.92 24.14
CA GLY B 121 4.33 -23.81 22.83
C GLY B 121 2.90 -24.30 22.76
N VAL B 122 2.46 -25.03 23.80
CA VAL B 122 1.11 -25.60 23.79
C VAL B 122 -0.01 -24.56 23.80
N PRO B 123 0.02 -23.49 24.60
CA PRO B 123 -1.17 -22.61 24.75
C PRO B 123 -1.81 -22.19 23.43
N PRO B 124 -1.07 -21.65 22.45
CA PRO B 124 -1.75 -21.16 21.23
C PRO B 124 -2.39 -22.28 20.42
N LEU B 125 -1.95 -23.53 20.63
CA LEU B 125 -2.53 -24.66 19.93
C LEU B 125 -3.94 -25.02 20.42
N TYR B 126 -4.32 -24.59 21.63
CA TYR B 126 -5.65 -24.90 22.16
C TYR B 126 -6.74 -24.17 21.39
N GLU B 127 -6.58 -22.87 21.16
CA GLU B 127 -7.56 -22.13 20.36
C GLU B 127 -7.62 -22.70 18.95
N LEU B 128 -6.47 -23.16 18.44
CA LEU B 128 -6.43 -23.80 17.13
C LEU B 128 -7.34 -25.03 17.08
N ALA B 129 -7.23 -25.90 18.10
CA ALA B 129 -8.09 -27.08 18.13
C ALA B 129 -9.56 -26.72 18.28
N LYS B 130 -9.86 -25.67 19.05
CA LYS B 130 -11.25 -25.21 19.15
C LYS B 130 -11.82 -24.87 17.77
N GLN B 131 -11.11 -24.04 17.02
CA GLN B 131 -11.64 -23.59 15.74
C GLN B 131 -11.58 -24.68 14.68
N LEU B 132 -10.62 -25.61 14.78
CA LEU B 132 -10.63 -26.71 13.82
C LEU B 132 -11.76 -27.69 14.09
N GLU B 133 -12.12 -27.87 15.37
CA GLU B 133 -13.17 -28.82 15.74
C GLU B 133 -14.50 -28.45 15.09
N GLU B 134 -14.75 -27.16 14.87
CA GLU B 134 -15.98 -26.75 14.20
C GLU B 134 -15.97 -27.12 12.71
N LYS B 135 -14.84 -27.51 12.15
CA LYS B 135 -14.79 -27.95 10.76
C LYS B 135 -14.95 -29.47 10.65
N ASN B 136 -15.08 -30.15 11.79
CA ASN B 136 -15.34 -31.59 11.88
C ASN B 136 -14.26 -32.43 11.20
N CYS B 137 -13.05 -31.90 11.12
CA CYS B 137 -11.91 -32.67 10.67
C CYS B 137 -11.39 -33.51 11.84
N GLN B 138 -10.60 -34.52 11.50
CA GLN B 138 -10.09 -35.44 12.49
C GLN B 138 -8.72 -34.94 12.95
N MET B 139 -8.49 -34.89 14.25
CA MET B 139 -7.26 -34.33 14.80
C MET B 139 -6.47 -35.35 15.60
N THR B 140 -5.15 -35.33 15.42
CA THR B 140 -4.22 -36.04 16.28
C THR B 140 -3.34 -34.96 16.92
N ILE B 141 -3.34 -34.91 18.25
CA ILE B 141 -2.65 -33.87 19.00
C ILE B 141 -1.62 -34.56 19.88
N LEU B 142 -0.34 -34.32 19.60
CA LEU B 142 0.77 -34.91 20.34
C LEU B 142 1.47 -33.79 21.08
N LEU B 143 1.55 -33.89 22.42
CA LEU B 143 2.16 -32.86 23.25
C LEU B 143 3.28 -33.46 24.08
N GLY B 144 4.37 -32.74 24.18
CA GLY B 144 5.51 -33.19 24.94
C GLY B 144 5.92 -32.12 25.92
N PHE B 145 6.34 -32.55 27.11
CA PHE B 145 6.76 -31.66 28.17
C PHE B 145 8.06 -32.20 28.74
N ALA B 146 8.74 -31.36 29.53
CA ALA B 146 9.93 -31.81 30.20
C ALA B 146 9.61 -32.81 31.29
N SER B 147 8.44 -32.67 31.90
CA SER B 147 8.14 -33.41 33.11
C SER B 147 6.65 -33.30 33.35
N GLU B 148 6.18 -34.11 34.30
CA GLU B 148 4.81 -33.95 34.76
C GLU B 148 4.61 -32.58 35.41
N LYS B 149 5.67 -32.02 36.00
CA LYS B 149 5.57 -30.74 36.71
C LYS B 149 5.15 -29.60 35.79
N VAL B 150 5.48 -29.69 34.50
CA VAL B 150 5.23 -28.60 33.56
C VAL B 150 4.14 -28.95 32.55
N LYS B 151 3.39 -30.03 32.78
CA LYS B 151 2.27 -30.39 31.90
C LYS B 151 1.11 -29.39 32.01
N ILE B 152 0.62 -28.91 30.86
CA ILE B 152 -0.42 -27.91 30.81
C ILE B 152 -1.47 -28.29 29.78
N LEU B 153 -2.71 -27.89 30.06
CA LEU B 153 -3.86 -27.94 29.15
C LEU B 153 -4.27 -29.37 28.78
N GLU B 154 -3.92 -30.38 29.57
CA GLU B 154 -4.37 -31.73 29.22
C GLU B 154 -5.88 -31.86 29.26
N LYS B 155 -6.51 -31.43 30.36
CA LYS B 155 -7.96 -31.58 30.47
C LYS B 155 -8.70 -30.80 29.40
N GLU B 156 -8.14 -29.68 28.94
CA GLU B 156 -8.82 -28.89 27.91
C GLU B 156 -8.76 -29.59 26.56
N PHE B 157 -7.64 -30.24 26.27
CA PHE B 157 -7.52 -30.97 25.01
C PHE B 157 -8.34 -32.25 25.04
N ALA B 158 -8.33 -32.93 26.19
CA ALA B 158 -9.08 -34.18 26.28
C ALA B 158 -10.57 -33.95 26.01
N GLU B 159 -11.10 -32.83 26.49
CA GLU B 159 -12.52 -32.51 26.34
C GLU B 159 -12.94 -32.21 24.91
N LEU B 160 -12.01 -32.05 23.98
CA LEU B 160 -12.38 -31.77 22.60
C LEU B 160 -12.61 -33.11 21.90
N LYS B 161 -13.71 -33.22 21.18
CA LYS B 161 -13.97 -34.41 20.41
C LYS B 161 -13.23 -34.33 19.08
N ASN B 162 -13.26 -35.42 18.33
CA ASN B 162 -12.49 -35.58 17.08
C ASN B 162 -10.99 -35.48 17.36
N VAL B 163 -10.60 -35.80 18.59
CA VAL B 163 -9.23 -35.62 19.04
C VAL B 163 -8.72 -36.96 19.53
N SER B 164 -7.57 -37.37 18.98
CA SER B 164 -6.72 -38.40 19.56
C SER B 164 -5.55 -37.66 20.17
N LEU B 165 -5.50 -37.62 21.48
CA LEU B 165 -4.50 -36.86 22.22
C LEU B 165 -3.51 -37.83 22.85
N LYS B 166 -2.23 -37.60 22.61
CA LYS B 166 -1.15 -38.34 23.22
C LYS B 166 -0.24 -37.34 23.93
N ILE B 167 0.27 -37.72 25.09
CA ILE B 167 1.13 -36.83 25.86
C ILE B 167 2.42 -37.56 26.19
N ALA B 168 3.55 -36.91 25.94
CA ALA B 168 4.85 -37.47 26.35
C ALA B 168 5.48 -36.59 27.43
N THR B 169 6.37 -37.18 28.22
CA THR B 169 7.25 -36.44 29.11
C THR B 169 8.67 -36.94 28.93
N ASP B 170 9.64 -36.02 29.00
CA ASP B 170 11.03 -36.42 28.76
C ASP B 170 11.50 -37.45 29.79
N ASP B 171 10.97 -37.39 31.02
CA ASP B 171 11.41 -38.28 32.09
C ASP B 171 10.49 -39.48 32.27
N GLY B 172 9.32 -39.50 31.63
CA GLY B 172 8.37 -40.57 31.80
C GLY B 172 7.44 -40.41 32.98
N SER B 173 7.51 -39.28 33.67
CA SER B 173 6.66 -39.07 34.84
C SER B 173 5.18 -39.11 34.47
N TYR B 174 4.83 -38.90 33.19
CA TYR B 174 3.45 -38.95 32.76
C TYR B 174 3.36 -39.33 31.29
N GLY B 175 2.45 -40.25 30.98
CA GLY B 175 2.27 -40.71 29.62
C GLY B 175 3.50 -41.41 29.10
N THR B 176 3.87 -41.10 27.86
CA THR B 176 4.97 -41.78 27.18
C THR B 176 6.30 -41.15 27.54
N LYS B 177 7.26 -41.98 27.94
CA LYS B 177 8.61 -41.50 28.21
C LYS B 177 9.29 -41.13 26.90
N GLY B 178 9.80 -39.90 26.83
CA GLY B 178 10.61 -39.38 25.74
C GLY B 178 10.08 -38.07 25.18
N HIS B 179 10.60 -37.71 24.03
CA HIS B 179 10.26 -36.46 23.38
C HIS B 179 9.11 -36.62 22.42
N VAL B 180 8.46 -35.49 22.14
CA VAL B 180 7.30 -35.47 21.26
C VAL B 180 7.61 -36.08 19.90
N GLY B 181 8.88 -36.01 19.47
CA GLY B 181 9.23 -36.53 18.15
C GLY B 181 9.05 -38.03 18.05
N MET B 182 9.27 -38.74 19.16
CA MET B 182 9.07 -40.18 19.17
C MET B 182 7.62 -40.54 18.85
N LEU B 183 6.67 -39.87 19.52
CA LEU B 183 5.26 -40.05 19.19
C LEU B 183 4.96 -39.65 17.76
N MET B 184 5.73 -38.69 17.22
CA MET B 184 5.52 -38.23 15.85
C MET B 184 5.85 -39.32 14.83
N GLU B 185 6.95 -40.05 15.04
CA GLU B 185 7.29 -41.12 14.12
C GLU B 185 6.19 -42.16 14.07
N GLU B 186 5.55 -42.44 15.21
CA GLU B 186 4.60 -43.51 15.39
C GLU B 186 3.25 -43.30 14.71
N ILE B 187 2.99 -42.15 14.08
CA ILE B 187 1.71 -41.94 13.41
C ILE B 187 1.71 -42.66 12.05
N ASP B 188 0.59 -43.30 11.75
CA ASP B 188 0.37 -44.03 10.51
C ASP B 188 -0.85 -43.48 9.78
N PHE B 189 -0.65 -42.38 9.08
CA PHE B 189 -1.62 -41.92 8.09
C PHE B 189 -0.95 -40.81 7.29
N GLU B 190 -1.69 -40.29 6.32
CA GLU B 190 -1.18 -39.27 5.41
C GLU B 190 -1.72 -37.95 5.96
N VAL B 191 -0.82 -37.11 6.44
CA VAL B 191 -1.25 -35.87 7.07
C VAL B 191 -1.40 -34.82 6.00
N ASP B 192 -2.47 -34.03 6.09
CA ASP B 192 -2.75 -33.01 5.09
C ASP B 192 -2.32 -31.62 5.54
N ALA B 193 -2.39 -31.36 6.84
CA ALA B 193 -1.94 -30.09 7.40
C ALA B 193 -1.40 -30.34 8.79
N LEU B 194 -0.23 -29.78 9.08
CA LEU B 194 0.41 -29.90 10.38
C LEU B 194 0.60 -28.50 10.96
N TYR B 195 0.17 -28.31 12.21
CA TYR B 195 0.40 -27.10 12.98
C TYR B 195 1.25 -27.44 14.19
N THR B 196 2.28 -26.63 14.47
CA THR B 196 3.27 -26.98 15.47
C THR B 196 3.83 -25.73 16.15
N CYS B 197 4.25 -25.91 17.40
CA CYS B 197 4.73 -24.79 18.18
C CYS B 197 5.44 -25.31 19.43
N GLY B 198 6.63 -24.79 19.73
CA GLY B 198 7.40 -25.32 20.84
C GLY B 198 8.86 -24.95 20.71
N ALA B 199 9.68 -25.62 21.52
CA ALA B 199 11.10 -25.31 21.57
C ALA B 199 11.77 -25.57 20.21
N PRO B 200 12.82 -24.78 19.87
CA PRO B 200 13.42 -24.89 18.53
C PRO B 200 13.85 -26.29 18.11
N ALA B 201 14.41 -27.09 19.02
CA ALA B 201 14.77 -28.45 18.62
C ALA B 201 13.54 -29.23 18.18
N MET B 202 12.42 -29.04 18.88
CA MET B 202 11.19 -29.73 18.48
C MET B 202 10.69 -29.23 17.13
N LEU B 203 10.71 -27.92 16.91
CA LEU B 203 10.31 -27.38 15.61
C LEU B 203 11.26 -27.87 14.51
N LYS B 204 12.56 -27.98 14.83
CA LYS B 204 13.54 -28.46 13.85
C LYS B 204 13.23 -29.88 13.42
N ALA B 205 12.86 -30.74 14.39
CA ALA B 205 12.60 -32.14 14.08
C ALA B 205 11.29 -32.28 13.32
N VAL B 206 10.29 -31.47 13.67
CA VAL B 206 9.01 -31.50 12.96
C VAL B 206 9.21 -31.05 11.51
N ALA B 207 9.90 -29.94 11.29
CA ALA B 207 10.07 -29.43 9.92
C ALA B 207 10.85 -30.40 9.05
N LYS B 208 11.83 -31.12 9.62
CA LYS B 208 12.62 -32.05 8.81
C LYS B 208 11.84 -33.30 8.45
N LYS B 209 10.95 -33.76 9.33
CA LYS B 209 10.14 -34.95 9.05
C LYS B 209 9.12 -34.71 7.94
N TYR B 210 8.65 -33.48 7.80
CA TYR B 210 7.56 -33.14 6.87
C TYR B 210 7.96 -32.02 5.90
N GLU B 211 9.25 -32.00 5.51
CA GLU B 211 9.79 -31.01 4.58
C GLU B 211 9.04 -30.98 3.26
N GLN B 212 8.32 -32.05 2.93
CA GLN B 212 7.63 -32.22 1.66
C GLN B 212 6.20 -31.68 1.65
N LEU B 213 5.68 -31.25 2.79
CA LEU B 213 4.28 -30.87 2.93
C LEU B 213 4.09 -29.35 2.85
N GLU B 214 3.24 -28.89 1.93
CA GLU B 214 3.03 -27.45 1.80
C GLU B 214 2.28 -26.90 3.00
N ARG B 215 1.16 -27.54 3.38
CA ARG B 215 0.37 -27.10 4.52
C ARG B 215 1.03 -27.54 5.83
N LEU B 216 2.23 -26.99 6.09
CA LEU B 216 2.93 -27.18 7.36
C LEU B 216 3.19 -25.81 7.97
N TYR B 217 2.49 -25.50 9.06
CA TYR B 217 2.48 -24.17 9.65
C TYR B 217 3.25 -24.20 10.97
N ILE B 218 4.31 -23.39 11.07
CA ILE B 218 5.24 -23.40 12.20
C ILE B 218 5.15 -22.07 12.95
N SER B 219 4.94 -22.14 14.27
CA SER B 219 4.84 -20.96 15.12
C SER B 219 6.19 -20.67 15.79
N MET B 220 6.71 -19.46 15.59
CA MET B 220 8.10 -19.14 15.91
C MET B 220 8.20 -18.21 17.11
N GLU B 221 9.39 -18.15 17.68
CA GLU B 221 9.72 -17.16 18.69
C GLU B 221 11.04 -16.48 18.37
N SER B 222 11.25 -15.33 19.00
CA SER B 222 12.45 -14.53 18.82
C SER B 222 12.46 -13.49 19.94
N ARG B 223 13.57 -12.78 20.07
CA ARG B 223 13.61 -11.65 20.99
C ARG B 223 12.87 -10.48 20.35
N MET B 224 12.05 -9.79 21.14
CA MET B 224 11.27 -8.71 20.57
C MET B 224 11.53 -7.40 21.31
N ALA B 225 11.26 -6.30 20.60
CA ALA B 225 11.25 -4.96 21.20
C ALA B 225 9.95 -4.26 20.85
N CYS B 226 9.83 -3.81 19.59
CA CYS B 226 8.68 -2.99 19.19
C CYS B 226 7.38 -3.81 19.11
N GLY B 227 7.45 -5.05 18.62
CA GLY B 227 6.29 -5.91 18.49
C GLY B 227 5.38 -5.64 17.29
N ILE B 228 5.71 -4.67 16.43
CA ILE B 228 4.85 -4.33 15.31
C ILE B 228 5.61 -4.27 13.99
N GLY B 229 6.92 -4.53 13.97
CA GLY B 229 7.68 -4.66 12.75
C GLY B 229 8.60 -3.49 12.38
N ALA B 230 8.85 -2.55 13.29
CA ALA B 230 9.61 -1.36 12.91
C ALA B 230 11.07 -1.41 13.32
N CYS B 231 11.40 -2.08 14.41
CA CYS B 231 12.77 -2.05 14.87
C CYS B 231 13.66 -3.14 14.28
N TYR B 232 13.07 -4.18 13.64
CA TYR B 232 13.79 -5.29 13.00
C TYR B 232 14.59 -6.13 14.02
N ALA B 233 14.08 -6.29 15.24
CA ALA B 233 14.81 -7.07 16.23
C ALA B 233 14.69 -8.56 16.00
N CYS B 234 13.54 -9.02 15.50
CA CYS B 234 13.15 -10.43 15.60
C CYS B 234 13.25 -11.15 14.27
N VAL B 235 14.34 -10.98 13.56
CA VAL B 235 14.34 -11.43 12.18
C VAL B 235 14.63 -12.93 12.09
N GLU B 236 14.11 -13.51 11.01
CA GLU B 236 14.49 -14.83 10.52
C GLU B 236 14.91 -14.68 9.08
N HIS B 237 15.85 -15.51 8.66
CA HIS B 237 16.23 -15.52 7.25
C HIS B 237 15.10 -16.13 6.44
N ASP B 238 14.71 -15.46 5.36
CA ASP B 238 13.71 -16.00 4.45
C ASP B 238 14.37 -17.05 3.57
N LYS B 239 13.84 -18.28 3.61
CA LYS B 239 14.37 -19.35 2.77
C LYS B 239 13.98 -19.17 1.30
N GLU B 240 12.81 -18.55 1.02
CA GLU B 240 12.29 -18.38 -0.34
C GLU B 240 12.90 -17.19 -1.07
N ASP B 241 13.47 -16.24 -0.33
CA ASP B 241 14.09 -15.07 -0.93
C ASP B 241 15.31 -14.72 -0.09
N GLU B 242 16.49 -15.18 -0.52
CA GLU B 242 17.71 -15.02 0.25
C GLU B 242 17.99 -13.53 0.47
N ASN B 243 18.66 -13.24 1.60
CA ASN B 243 19.08 -11.90 2.00
C ASN B 243 17.90 -11.10 2.56
N HIS B 244 16.69 -11.61 2.32
CA HIS B 244 15.43 -11.01 2.79
C HIS B 244 15.13 -11.54 4.19
N ALA B 245 14.76 -10.64 5.07
CA ALA B 245 14.48 -10.93 6.47
C ALA B 245 12.98 -11.09 6.69
N LEU B 246 12.58 -12.16 7.35
CA LEU B 246 11.23 -12.30 7.87
C LEU B 246 11.21 -11.74 9.28
N LYS B 247 10.12 -11.07 9.65
CA LYS B 247 10.01 -10.54 10.99
C LYS B 247 9.00 -11.36 11.79
N VAL B 248 9.46 -11.99 12.87
CA VAL B 248 8.62 -12.89 13.64
C VAL B 248 7.38 -12.19 14.22
N CYS B 249 7.48 -10.91 14.58
CA CYS B 249 6.33 -10.24 15.17
C CYS B 249 5.26 -9.89 14.13
N GLU B 250 5.67 -9.47 12.93
CA GLU B 250 4.74 -8.95 11.95
C GLU B 250 4.43 -9.94 10.82
N ASP B 251 5.46 -10.47 10.17
CA ASP B 251 5.23 -11.52 9.19
C ASP B 251 4.76 -12.78 9.88
N GLY B 252 5.39 -13.14 11.00
CA GLY B 252 4.94 -14.23 11.82
C GLY B 252 3.90 -13.72 12.80
N PRO B 253 3.74 -14.41 13.94
CA PRO B 253 4.59 -15.52 14.43
C PRO B 253 4.52 -16.85 13.68
N VAL B 254 3.45 -17.21 12.93
CA VAL B 254 3.44 -18.51 12.24
C VAL B 254 3.80 -18.32 10.78
N PHE B 255 4.65 -19.23 10.28
CA PHE B 255 5.10 -19.25 8.90
C PHE B 255 4.78 -20.62 8.27
N LEU B 256 4.78 -20.67 6.93
CA LEU B 256 4.85 -21.96 6.25
C LEU B 256 6.29 -22.47 6.34
N GLY B 257 6.43 -23.79 6.39
CA GLY B 257 7.76 -24.40 6.48
C GLY B 257 8.70 -24.09 5.33
N LYS B 258 8.16 -23.79 4.15
CA LYS B 258 9.02 -23.37 3.05
C LYS B 258 9.79 -22.09 3.36
N GLN B 259 9.28 -21.27 4.28
CA GLN B 259 9.86 -19.96 4.54
C GLN B 259 11.00 -19.99 5.55
N LEU B 260 11.25 -21.11 6.22
CA LEU B 260 12.19 -21.12 7.33
C LEU B 260 13.31 -22.12 7.11
N LEU B 261 14.45 -21.81 7.73
CA LEU B 261 15.64 -22.67 7.80
C LEU B 261 15.79 -23.14 9.24
N LEU B 262 14.96 -24.12 9.64
CA LEU B 262 14.83 -24.74 11.00
C LEU B 262 13.74 -24.12 11.89
N MET C 1 -3.86 4.14 -37.76
CA MET C 1 -4.53 4.02 -36.47
C MET C 1 -5.30 2.71 -36.34
N PRO C 2 -5.25 2.10 -35.16
CA PRO C 2 -5.86 0.77 -35.02
C PRO C 2 -7.38 0.91 -35.02
N LYS C 3 -8.07 -0.16 -35.46
CA LYS C 3 -9.51 -0.08 -35.64
C LYS C 3 -10.20 0.13 -34.30
N LEU C 4 -9.67 -0.48 -33.24
CA LEU C 4 -10.07 -0.38 -31.84
C LEU C 4 -11.40 -1.03 -31.52
N GLN C 5 -12.41 -0.86 -32.35
CA GLN C 5 -13.74 -1.37 -32.02
C GLN C 5 -14.40 -1.97 -33.26
N GLU C 6 -15.17 -3.02 -33.05
CA GLU C 6 -15.82 -3.75 -34.12
C GLU C 6 -16.93 -4.60 -33.55
N MET C 7 -18.06 -4.68 -34.26
CA MET C 7 -19.11 -5.63 -33.90
C MET C 7 -18.72 -7.00 -34.47
N MET C 8 -18.14 -7.84 -33.63
CA MET C 8 -17.74 -9.18 -34.05
C MET C 8 -18.92 -10.15 -33.99
N THR C 9 -18.80 -11.27 -34.66
CA THR C 9 -19.80 -12.25 -34.70
C THR C 9 -19.31 -13.48 -34.00
N ILE C 10 -20.17 -14.04 -33.23
CA ILE C 10 -19.88 -15.23 -32.49
C ILE C 10 -19.86 -16.43 -33.37
N VAL C 11 -18.74 -17.08 -33.52
CA VAL C 11 -18.74 -18.27 -34.37
C VAL C 11 -19.34 -19.43 -33.61
N SER C 12 -19.01 -19.55 -32.33
CA SER C 12 -19.64 -20.51 -31.45
C SER C 12 -19.43 -20.06 -30.01
N GLN C 13 -20.21 -20.66 -29.13
CA GLN C 13 -19.98 -20.47 -27.71
C GLN C 13 -20.59 -21.65 -26.99
N ARG C 14 -19.79 -22.31 -26.15
CA ARG C 14 -20.27 -23.38 -25.29
C ARG C 14 -19.55 -23.29 -23.95
N GLU C 15 -20.14 -23.94 -22.95
CA GLU C 15 -19.63 -23.98 -21.58
C GLU C 15 -18.64 -25.15 -21.46
N VAL C 16 -17.34 -24.85 -21.46
CA VAL C 16 -16.33 -25.92 -21.48
C VAL C 16 -15.88 -26.36 -20.09
N ALA C 17 -16.32 -25.69 -19.04
CA ALA C 17 -16.11 -26.15 -17.67
C ALA C 17 -17.10 -25.43 -16.79
N SER C 18 -17.12 -25.81 -15.52
CA SER C 18 -18.09 -25.28 -14.58
C SER C 18 -18.09 -23.75 -14.58
N ASN C 19 -19.16 -23.17 -15.14
CA ASN C 19 -19.35 -21.72 -15.19
C ASN C 19 -18.27 -21.02 -15.99
N ILE C 20 -17.60 -21.71 -16.89
CA ILE C 20 -16.57 -21.15 -17.74
C ILE C 20 -16.97 -21.40 -19.18
N PHE C 21 -17.09 -20.32 -19.96
CA PHE C 21 -17.57 -20.39 -21.33
C PHE C 21 -16.44 -20.04 -22.29
N GLU C 22 -16.39 -20.75 -23.41
CA GLU C 22 -15.44 -20.50 -24.48
C GLU C 22 -16.20 -19.91 -25.66
N MET C 23 -15.78 -18.75 -26.12
CA MET C 23 -16.41 -18.04 -27.22
C MET C 23 -15.40 -17.88 -28.34
N VAL C 24 -15.79 -18.17 -29.58
CA VAL C 24 -14.95 -17.96 -30.74
C VAL C 24 -15.56 -16.81 -31.55
N LEU C 25 -14.76 -15.79 -31.84
CA LEU C 25 -15.22 -14.54 -32.44
C LEU C 25 -14.55 -14.27 -33.77
N LYS C 26 -15.33 -13.87 -34.77
CA LYS C 26 -14.83 -13.58 -36.10
C LYS C 26 -14.92 -12.08 -36.39
N GLY C 27 -13.86 -11.52 -36.96
CA GLY C 27 -13.86 -10.11 -37.29
C GLY C 27 -12.50 -9.68 -37.81
N GLU C 28 -12.43 -8.39 -38.10
CA GLU C 28 -11.22 -7.76 -38.61
C GLU C 28 -10.22 -7.45 -37.50
N LEU C 29 -10.67 -7.42 -36.24
CA LEU C 29 -9.76 -7.14 -35.15
C LEU C 29 -8.71 -8.23 -35.03
N VAL C 30 -9.06 -9.48 -35.36
CA VAL C 30 -8.09 -10.56 -35.32
C VAL C 30 -6.90 -10.23 -36.20
N GLU C 31 -7.12 -9.47 -37.28
CA GLU C 31 -6.02 -9.10 -38.17
C GLU C 31 -5.01 -8.21 -37.46
N GLU C 32 -5.40 -7.53 -36.37
CA GLU C 32 -4.50 -6.63 -35.67
C GLU C 32 -3.65 -7.31 -34.58
N MET C 33 -3.97 -8.55 -34.20
CA MET C 33 -3.33 -9.19 -33.05
C MET C 33 -1.88 -9.60 -33.37
N ASP C 34 -1.00 -9.46 -32.37
CA ASP C 34 0.40 -9.83 -32.55
C ASP C 34 0.95 -10.58 -31.35
N LEU C 35 1.38 -9.86 -30.32
CA LEU C 35 1.94 -10.51 -29.14
C LEU C 35 0.87 -11.33 -28.44
N PRO C 36 1.25 -12.44 -27.85
CA PRO C 36 0.30 -13.15 -26.99
C PRO C 36 0.06 -12.30 -25.75
N GLY C 37 -1.13 -12.44 -25.18
CA GLY C 37 -1.42 -11.78 -23.91
C GLY C 37 -2.11 -10.43 -23.97
N GLN C 38 -2.63 -10.03 -25.14
CA GLN C 38 -3.53 -8.87 -25.21
C GLN C 38 -4.94 -9.26 -24.72
N PHE C 39 -5.82 -8.26 -24.59
CA PHE C 39 -7.16 -8.54 -24.09
C PHE C 39 -8.19 -7.80 -24.94
N LEU C 40 -9.45 -8.17 -24.77
CA LEU C 40 -10.57 -7.51 -25.41
C LEU C 40 -11.41 -6.83 -24.35
N HIS C 41 -11.95 -5.67 -24.67
CA HIS C 41 -12.85 -4.96 -23.76
C HIS C 41 -14.28 -5.08 -24.29
N LEU C 42 -15.03 -5.99 -23.66
CA LEU C 42 -16.33 -6.41 -24.13
C LEU C 42 -17.48 -5.62 -23.51
N ALA C 43 -18.42 -5.20 -24.35
CA ALA C 43 -19.69 -4.65 -23.88
C ALA C 43 -20.69 -5.77 -23.56
N VAL C 44 -21.38 -5.63 -22.44
CA VAL C 44 -22.47 -6.53 -22.04
C VAL C 44 -23.69 -6.20 -22.88
N PRO C 45 -24.42 -7.20 -23.38
CA PRO C 45 -25.72 -6.93 -24.00
C PRO C 45 -26.81 -6.58 -22.97
N ASN C 46 -26.62 -5.46 -22.28
CA ASN C 46 -27.56 -5.00 -21.26
C ASN C 46 -27.29 -3.51 -21.14
N ALA C 47 -28.18 -2.69 -21.71
CA ALA C 47 -27.89 -1.28 -21.88
C ALA C 47 -27.66 -0.54 -20.55
N SER C 48 -28.03 -1.14 -19.42
CA SER C 48 -27.82 -0.55 -18.11
C SER C 48 -26.44 -0.83 -17.52
N MET C 49 -25.63 -1.65 -18.20
CA MET C 49 -24.27 -1.99 -17.76
C MET C 49 -23.29 -1.38 -18.75
N LEU C 50 -22.81 -0.18 -18.45
CA LEU C 50 -22.01 0.58 -19.40
C LEU C 50 -20.54 0.24 -19.39
N LEU C 51 -20.00 -0.27 -18.29
CA LEU C 51 -18.59 -0.60 -18.24
C LEU C 51 -18.36 -1.95 -18.92
N ARG C 52 -17.35 -2.01 -19.77
CA ARG C 52 -16.99 -3.19 -20.55
C ARG C 52 -16.27 -4.22 -19.69
N ARG C 53 -16.37 -5.49 -20.10
CA ARG C 53 -15.75 -6.61 -19.40
C ARG C 53 -14.41 -7.01 -20.02
N PRO C 54 -13.29 -6.86 -19.33
CA PRO C 54 -12.00 -7.19 -19.95
C PRO C 54 -11.64 -8.67 -19.80
N ILE C 55 -11.35 -9.32 -20.92
CA ILE C 55 -11.16 -10.76 -21.01
C ILE C 55 -9.93 -11.02 -21.85
N SER C 56 -9.06 -11.91 -21.37
CA SER C 56 -7.85 -12.24 -22.11
C SER C 56 -8.19 -12.92 -23.44
N ILE C 57 -7.36 -12.64 -24.44
CA ILE C 57 -7.39 -13.36 -25.70
C ILE C 57 -6.66 -14.69 -25.47
N SER C 58 -7.34 -15.80 -25.74
CA SER C 58 -6.77 -17.13 -25.52
C SER C 58 -5.94 -17.63 -26.71
N SER C 59 -6.44 -17.46 -27.91
CA SER C 59 -5.76 -17.90 -29.12
C SER C 59 -6.48 -17.26 -30.30
N TRP C 60 -5.83 -17.30 -31.45
CA TRP C 60 -6.50 -16.83 -32.65
C TRP C 60 -6.02 -17.61 -33.86
N ASP C 61 -6.71 -17.38 -34.97
CA ASP C 61 -6.43 -17.96 -36.27
C ASP C 61 -6.57 -16.81 -37.26
N LYS C 62 -5.43 -16.25 -37.68
CA LYS C 62 -5.43 -15.07 -38.55
C LYS C 62 -6.06 -15.36 -39.90
N VAL C 63 -5.91 -16.59 -40.42
CA VAL C 63 -6.49 -16.92 -41.71
C VAL C 63 -8.01 -17.03 -41.59
N ALA C 64 -8.47 -17.77 -40.58
CA ALA C 64 -9.89 -17.95 -40.32
C ALA C 64 -10.58 -16.66 -39.86
N LYS C 65 -9.82 -15.62 -39.54
CA LYS C 65 -10.34 -14.34 -39.04
C LYS C 65 -10.97 -14.47 -37.66
N THR C 66 -10.47 -15.39 -36.82
CA THR C 66 -11.12 -15.71 -35.55
C THR C 66 -10.18 -15.69 -34.36
N CYS C 67 -10.70 -15.22 -33.22
CA CYS C 67 -10.01 -15.38 -31.95
C CYS C 67 -10.92 -16.08 -30.95
N THR C 68 -10.31 -16.57 -29.89
CA THR C 68 -10.99 -17.41 -28.93
C THR C 68 -10.73 -16.82 -27.54
N ILE C 69 -11.76 -16.84 -26.68
CA ILE C 69 -11.66 -16.34 -25.31
C ILE C 69 -12.36 -17.30 -24.38
N LEU C 70 -11.96 -17.26 -23.11
CA LEU C 70 -12.50 -18.12 -22.06
C LEU C 70 -12.73 -17.28 -20.81
N TYR C 71 -13.95 -17.27 -20.29
CA TYR C 71 -14.30 -16.41 -19.18
C TYR C 71 -15.18 -17.12 -18.16
N ARG C 72 -15.00 -16.77 -16.90
CA ARG C 72 -15.84 -17.24 -15.82
C ARG C 72 -17.02 -16.29 -15.66
N ILE C 73 -18.18 -16.83 -15.29
CA ILE C 73 -19.39 -16.03 -15.13
C ILE C 73 -19.74 -15.85 -13.65
N GLY C 74 -20.55 -14.83 -13.38
CA GLY C 74 -21.08 -14.53 -12.06
C GLY C 74 -22.47 -15.10 -11.87
N ASP C 75 -23.25 -14.50 -10.97
CA ASP C 75 -24.61 -14.97 -10.75
C ASP C 75 -25.54 -14.35 -11.81
N GLU C 76 -26.85 -14.55 -11.62
CA GLU C 76 -27.85 -14.09 -12.59
C GLU C 76 -27.90 -12.57 -12.73
N THR C 77 -27.32 -11.81 -11.76
CA THR C 77 -27.26 -10.36 -11.86
C THR C 77 -26.01 -9.83 -12.57
N SER C 78 -25.06 -10.70 -12.90
CA SER C 78 -23.77 -10.30 -13.44
C SER C 78 -23.82 -10.04 -14.94
N GLY C 79 -22.86 -9.24 -15.40
CA GLY C 79 -22.73 -8.97 -16.82
C GLY C 79 -22.12 -10.11 -17.62
N THR C 80 -21.22 -10.88 -17.02
CA THR C 80 -20.70 -12.02 -17.75
C THR C 80 -21.79 -13.08 -17.98
N TYR C 81 -22.74 -13.20 -17.06
CA TYR C 81 -23.82 -14.16 -17.22
C TYR C 81 -24.57 -13.93 -18.53
N GLU C 82 -24.97 -12.68 -18.78
CA GLU C 82 -25.68 -12.34 -20.01
C GLU C 82 -24.81 -12.58 -21.25
N ILE C 83 -23.49 -12.38 -21.12
CA ILE C 83 -22.62 -12.64 -22.29
C ILE C 83 -22.67 -14.11 -22.68
N SER C 84 -22.81 -15.01 -21.69
CA SER C 84 -22.90 -16.44 -21.98
C SER C 84 -24.24 -16.85 -22.58
N LYS C 85 -25.26 -15.99 -22.52
CA LYS C 85 -26.50 -16.30 -23.20
C LYS C 85 -26.45 -15.96 -24.69
N LEU C 86 -25.46 -15.17 -25.14
CA LEU C 86 -25.33 -14.88 -26.55
C LEU C 86 -25.10 -16.17 -27.34
N GLN C 87 -25.45 -16.14 -28.62
CA GLN C 87 -25.44 -17.37 -29.41
C GLN C 87 -24.81 -17.14 -30.77
N SER C 88 -24.50 -18.27 -31.42
CA SER C 88 -23.90 -18.24 -32.75
C SER C 88 -24.72 -17.36 -33.68
N GLY C 89 -24.03 -16.49 -34.40
CA GLY C 89 -24.65 -15.53 -35.28
C GLY C 89 -24.77 -14.15 -34.67
N ALA C 90 -25.01 -14.09 -33.35
CA ALA C 90 -25.17 -12.82 -32.66
C ALA C 90 -23.92 -11.96 -32.80
N LYS C 91 -24.11 -10.65 -32.80
CA LYS C 91 -23.00 -9.70 -32.74
C LYS C 91 -22.71 -9.28 -31.30
N ILE C 92 -21.46 -8.91 -31.03
CA ILE C 92 -21.01 -8.42 -29.73
C ILE C 92 -20.07 -7.22 -29.92
N ASP C 93 -20.25 -6.19 -29.10
CA ASP C 93 -19.42 -4.99 -29.18
C ASP C 93 -18.09 -5.24 -28.46
N VAL C 94 -16.99 -5.21 -29.24
CA VAL C 94 -15.65 -5.58 -28.77
C VAL C 94 -14.70 -4.42 -28.98
N MET C 95 -13.90 -4.12 -27.96
CA MET C 95 -12.73 -3.26 -28.12
C MET C 95 -11.46 -4.10 -28.06
N GLY C 96 -10.53 -3.84 -28.98
CA GLY C 96 -9.28 -4.53 -28.94
C GLY C 96 -8.58 -4.66 -30.29
N PRO C 97 -7.49 -5.40 -30.31
CA PRO C 97 -6.83 -5.93 -29.11
C PRO C 97 -6.07 -4.80 -28.38
N LEU C 98 -5.98 -4.90 -27.06
CA LEU C 98 -5.48 -3.80 -26.23
C LEU C 98 -4.34 -4.28 -25.35
N GLY C 99 -3.36 -3.41 -25.13
CA GLY C 99 -2.36 -3.64 -24.10
C GLY C 99 -1.02 -4.12 -24.62
N ASN C 100 -0.09 -4.25 -23.67
CA ASN C 100 1.22 -4.83 -23.91
C ASN C 100 1.21 -6.30 -23.51
N GLY C 101 1.47 -7.18 -24.47
CA GLY C 101 1.47 -8.61 -24.22
C GLY C 101 2.82 -9.11 -23.75
N PHE C 102 2.95 -10.42 -23.77
CA PHE C 102 4.19 -11.10 -23.38
C PHE C 102 5.21 -10.98 -24.49
N PRO C 103 6.36 -10.33 -24.27
CA PRO C 103 7.38 -10.32 -25.33
C PRO C 103 7.88 -11.73 -25.60
N VAL C 104 8.07 -12.04 -26.88
CA VAL C 104 8.52 -13.36 -27.29
C VAL C 104 9.59 -13.24 -28.37
N ASP C 105 9.95 -12.01 -28.76
CA ASP C 105 10.91 -11.81 -29.85
C ASP C 105 12.25 -12.43 -29.55
N GLU C 106 12.85 -12.04 -28.44
CA GLU C 106 14.21 -12.38 -28.11
C GLU C 106 14.34 -13.82 -27.65
N VAL C 107 13.37 -14.66 -27.97
CA VAL C 107 13.37 -16.04 -27.48
C VAL C 107 13.87 -16.93 -28.61
N VAL C 108 14.73 -17.88 -28.25
CA VAL C 108 15.35 -18.76 -29.23
C VAL C 108 15.43 -20.17 -28.63
N SER C 109 15.48 -21.16 -29.51
CA SER C 109 15.20 -22.56 -29.18
C SER C 109 15.99 -23.12 -28.00
N THR C 110 17.08 -22.46 -27.59
CA THR C 110 17.91 -23.03 -26.55
C THR C 110 17.44 -22.65 -25.15
N ASP C 111 16.99 -21.41 -24.95
CA ASP C 111 16.69 -20.96 -23.59
C ASP C 111 15.44 -21.67 -23.09
N LYS C 112 15.42 -21.90 -21.78
CA LYS C 112 14.42 -22.75 -21.15
C LYS C 112 13.34 -21.88 -20.52
N ILE C 113 12.11 -22.06 -20.99
CA ILE C 113 10.97 -21.20 -20.66
C ILE C 113 10.04 -21.93 -19.69
N LEU C 114 9.73 -21.29 -18.58
CA LEU C 114 8.82 -21.81 -17.57
C LEU C 114 7.54 -20.99 -17.61
N ILE C 115 6.41 -21.67 -17.60
CA ILE C 115 5.10 -21.04 -17.71
C ILE C 115 4.23 -21.60 -16.61
N VAL C 116 3.71 -20.74 -15.76
CA VAL C 116 2.83 -21.18 -14.67
C VAL C 116 1.58 -20.32 -14.71
N GLY C 117 0.43 -20.96 -14.54
CA GLY C 117 -0.84 -20.28 -14.60
C GLY C 117 -1.83 -21.00 -13.72
N GLY C 118 -2.84 -20.26 -13.27
CA GLY C 118 -3.89 -20.83 -12.45
C GLY C 118 -5.20 -20.17 -12.77
N GLY C 119 -6.30 -20.92 -12.56
CA GLY C 119 -7.63 -20.40 -12.75
C GLY C 119 -7.85 -19.82 -14.13
N ILE C 120 -8.40 -18.61 -14.20
CA ILE C 120 -8.68 -17.96 -15.49
C ILE C 120 -7.51 -17.09 -15.93
N GLY C 121 -6.39 -17.22 -15.25
CA GLY C 121 -5.20 -16.69 -15.89
C GLY C 121 -4.68 -17.59 -16.99
N VAL C 122 -5.18 -18.83 -17.04
CA VAL C 122 -4.68 -19.81 -18.01
C VAL C 122 -4.94 -19.40 -19.46
N PRO C 123 -6.13 -18.94 -19.85
CA PRO C 123 -6.47 -18.82 -21.29
C PRO C 123 -5.41 -18.11 -22.10
N PRO C 124 -4.89 -16.93 -21.68
CA PRO C 124 -3.93 -16.22 -22.55
C PRO C 124 -2.60 -16.93 -22.69
N LEU C 125 -2.28 -17.84 -21.77
CA LEU C 125 -1.01 -18.55 -21.86
C LEU C 125 -0.99 -19.54 -23.01
N TYR C 126 -2.15 -19.93 -23.55
CA TYR C 126 -2.20 -20.87 -24.65
C TYR C 126 -1.61 -20.27 -25.93
N GLU C 127 -1.97 -19.03 -26.26
CA GLU C 127 -1.39 -18.40 -27.45
C GLU C 127 0.11 -18.23 -27.31
N LEU C 128 0.58 -17.93 -26.11
CA LEU C 128 2.02 -17.77 -25.86
C LEU C 128 2.77 -19.05 -26.21
N ALA C 129 2.29 -20.20 -25.73
CA ALA C 129 2.91 -21.48 -26.05
C ALA C 129 2.86 -21.77 -27.55
N LYS C 130 1.76 -21.40 -28.22
CA LYS C 130 1.69 -21.51 -29.67
C LYS C 130 2.76 -20.66 -30.35
N GLN C 131 2.90 -19.39 -29.95
CA GLN C 131 3.89 -18.54 -30.63
C GLN C 131 5.30 -18.96 -30.26
N LEU C 132 5.49 -19.57 -29.09
CA LEU C 132 6.79 -20.14 -28.75
C LEU C 132 7.05 -21.42 -29.54
N GLU C 133 5.99 -22.13 -29.94
CA GLU C 133 6.17 -23.37 -30.68
C GLU C 133 6.98 -23.14 -31.95
N GLU C 134 6.77 -22.00 -32.61
CA GLU C 134 7.55 -21.69 -33.79
C GLU C 134 9.00 -21.31 -33.46
N LYS C 135 9.31 -21.05 -32.18
CA LYS C 135 10.68 -20.76 -31.75
C LYS C 135 11.45 -21.98 -31.26
N ASN C 136 10.85 -23.18 -31.33
CA ASN C 136 11.53 -24.44 -31.09
C ASN C 136 12.13 -24.56 -29.69
N CYS C 137 11.71 -23.74 -28.74
CA CYS C 137 12.22 -23.84 -27.38
C CYS C 137 11.42 -24.87 -26.58
N GLN C 138 12.03 -25.34 -25.50
CA GLN C 138 11.42 -26.35 -24.65
C GLN C 138 10.73 -25.65 -23.50
N MET C 139 9.50 -26.05 -23.23
CA MET C 139 8.64 -25.40 -22.26
C MET C 139 8.21 -26.38 -21.17
N THR C 140 8.22 -25.90 -19.96
CA THR C 140 7.60 -26.61 -18.85
C THR C 140 6.44 -25.72 -18.41
N ILE C 141 5.24 -26.29 -18.45
CA ILE C 141 4.00 -25.55 -18.21
C ILE C 141 3.31 -26.16 -17.00
N LEU C 142 3.16 -25.37 -15.94
CA LEU C 142 2.52 -25.80 -14.71
C LEU C 142 1.21 -25.03 -14.61
N LEU C 143 0.08 -25.77 -14.50
CA LEU C 143 -1.24 -25.17 -14.40
C LEU C 143 -1.93 -25.67 -13.14
N GLY C 144 -2.61 -24.77 -12.43
CA GLY C 144 -3.31 -25.12 -11.21
C GLY C 144 -4.75 -24.63 -11.23
N PHE C 145 -5.62 -25.41 -10.60
CA PHE C 145 -7.04 -25.07 -10.54
C PHE C 145 -7.57 -25.36 -9.15
N ALA C 146 -8.76 -24.84 -8.86
CA ALA C 146 -9.41 -25.18 -7.60
C ALA C 146 -9.89 -26.63 -7.59
N SER C 147 -10.24 -27.17 -8.76
CA SER C 147 -10.96 -28.44 -8.85
C SER C 147 -10.85 -28.97 -10.27
N GLU C 148 -11.15 -30.27 -10.42
CA GLU C 148 -11.27 -30.86 -11.75
C GLU C 148 -12.41 -30.23 -12.55
N LYS C 149 -13.45 -29.76 -11.85
CA LYS C 149 -14.63 -29.16 -12.48
C LYS C 149 -14.29 -27.91 -13.27
N VAL C 150 -13.28 -27.15 -12.81
CA VAL C 150 -12.88 -25.87 -13.40
C VAL C 150 -11.57 -25.98 -14.15
N LYS C 151 -11.06 -27.19 -14.33
CA LYS C 151 -9.90 -27.42 -15.17
C LYS C 151 -10.25 -27.08 -16.61
N ILE C 152 -9.40 -26.29 -17.27
CA ILE C 152 -9.66 -25.91 -18.65
C ILE C 152 -8.38 -26.02 -19.45
N LEU C 153 -8.54 -26.34 -20.75
CA LEU C 153 -7.49 -26.27 -21.75
C LEU C 153 -6.36 -27.27 -21.52
N GLU C 154 -6.59 -28.36 -20.79
CA GLU C 154 -5.54 -29.37 -20.65
C GLU C 154 -5.19 -29.97 -22.00
N LYS C 155 -6.21 -30.43 -22.74
CA LYS C 155 -5.95 -31.10 -24.01
C LYS C 155 -5.29 -30.18 -25.04
N GLU C 156 -5.56 -28.86 -24.99
CA GLU C 156 -4.95 -27.98 -25.98
C GLU C 156 -3.46 -27.80 -25.72
N PHE C 157 -3.06 -27.75 -24.44
CA PHE C 157 -1.65 -27.63 -24.11
C PHE C 157 -0.91 -28.93 -24.38
N ALA C 158 -1.55 -30.06 -24.08
CA ALA C 158 -0.91 -31.36 -24.29
C ALA C 158 -0.51 -31.55 -25.75
N GLU C 159 -1.33 -31.07 -26.69
CA GLU C 159 -1.09 -31.30 -28.11
C GLU C 159 0.14 -30.57 -28.64
N LEU C 160 0.72 -29.64 -27.89
CA LEU C 160 1.84 -28.86 -28.36
C LEU C 160 3.15 -29.59 -28.08
N LYS C 161 4.04 -29.58 -29.07
CA LYS C 161 5.30 -30.24 -28.84
C LYS C 161 6.19 -29.34 -27.97
N ASN C 162 7.32 -29.90 -27.54
CA ASN C 162 8.26 -29.20 -26.65
C ASN C 162 7.62 -28.80 -25.33
N VAL C 163 6.60 -29.51 -24.86
CA VAL C 163 5.87 -29.09 -23.66
C VAL C 163 5.91 -30.20 -22.62
N SER C 164 6.36 -29.86 -21.43
CA SER C 164 6.22 -30.69 -20.25
C SER C 164 5.10 -30.09 -19.40
N LEU C 165 3.96 -30.77 -19.32
CA LEU C 165 2.79 -30.22 -18.66
C LEU C 165 2.53 -30.91 -17.33
N LYS C 166 2.38 -30.14 -16.27
CA LYS C 166 1.96 -30.66 -14.98
C LYS C 166 0.74 -29.85 -14.54
N ILE C 167 -0.25 -30.53 -13.97
CA ILE C 167 -1.49 -29.88 -13.55
C ILE C 167 -1.72 -30.20 -12.08
N ALA C 168 -2.05 -29.17 -11.29
CA ALA C 168 -2.42 -29.30 -9.90
C ALA C 168 -3.89 -28.95 -9.70
N THR C 169 -4.47 -29.49 -8.63
CA THR C 169 -5.77 -29.07 -8.14
C THR C 169 -5.66 -28.88 -6.64
N ASP C 170 -6.37 -27.88 -6.12
CA ASP C 170 -6.34 -27.63 -4.68
C ASP C 170 -6.85 -28.81 -3.89
N ASP C 171 -7.81 -29.56 -4.44
CA ASP C 171 -8.49 -30.61 -3.71
C ASP C 171 -7.94 -32.00 -3.99
N GLY C 172 -7.09 -32.16 -4.99
CA GLY C 172 -6.59 -33.47 -5.34
C GLY C 172 -7.45 -34.25 -6.30
N SER C 173 -8.52 -33.66 -6.84
CA SER C 173 -9.39 -34.38 -7.76
C SER C 173 -8.68 -34.75 -9.06
N TYR C 174 -7.59 -34.06 -9.41
CA TYR C 174 -6.85 -34.35 -10.64
C TYR C 174 -5.41 -33.87 -10.51
N GLY C 175 -4.48 -34.70 -10.99
CA GLY C 175 -3.07 -34.36 -10.92
C GLY C 175 -2.58 -34.25 -9.49
N THR C 176 -1.74 -33.24 -9.23
CA THR C 176 -1.15 -33.07 -7.90
C THR C 176 -2.09 -32.30 -6.98
N LYS C 177 -2.30 -32.85 -5.79
CA LYS C 177 -3.07 -32.14 -4.77
C LYS C 177 -2.24 -30.96 -4.26
N GLY C 178 -2.83 -29.76 -4.29
CA GLY C 178 -2.22 -28.55 -3.76
C GLY C 178 -2.20 -27.42 -4.76
N HIS C 179 -1.42 -26.39 -4.46
CA HIS C 179 -1.31 -25.19 -5.27
C HIS C 179 -0.15 -25.32 -6.27
N VAL C 180 -0.25 -24.53 -7.34
CA VAL C 180 0.73 -24.60 -8.41
C VAL C 180 2.13 -24.26 -7.92
N GLY C 181 2.23 -23.47 -6.83
CA GLY C 181 3.54 -23.12 -6.31
C GLY C 181 4.35 -24.31 -5.83
N MET C 182 3.67 -25.34 -5.32
CA MET C 182 4.34 -26.57 -4.90
C MET C 182 5.06 -27.21 -6.09
N LEU C 183 4.38 -27.27 -7.23
CA LEU C 183 5.04 -27.71 -8.47
C LEU C 183 6.20 -26.80 -8.82
N MET C 184 6.11 -25.51 -8.47
CA MET C 184 7.22 -24.60 -8.69
C MET C 184 8.41 -24.98 -7.82
N GLU C 185 8.16 -25.43 -6.59
CA GLU C 185 9.26 -25.86 -5.72
C GLU C 185 10.09 -26.94 -6.39
N GLU C 186 9.43 -27.86 -7.09
CA GLU C 186 10.05 -29.03 -7.69
C GLU C 186 10.90 -28.70 -8.92
N ILE C 187 10.96 -27.44 -9.35
CA ILE C 187 11.78 -27.08 -10.51
C ILE C 187 13.23 -27.02 -10.05
N ASP C 188 14.05 -27.94 -10.53
CA ASP C 188 15.48 -27.91 -10.25
C ASP C 188 16.15 -28.03 -11.62
N PHE C 189 16.15 -26.90 -12.33
CA PHE C 189 16.93 -26.67 -13.54
C PHE C 189 16.83 -25.17 -13.78
N GLU C 190 17.46 -24.69 -14.84
CA GLU C 190 17.54 -23.25 -15.03
C GLU C 190 16.58 -22.73 -16.09
N VAL C 191 15.65 -21.89 -15.64
CA VAL C 191 14.65 -21.22 -16.45
C VAL C 191 15.22 -19.89 -16.95
N ASP C 192 14.96 -19.58 -18.20
CA ASP C 192 15.51 -18.35 -18.72
C ASP C 192 14.49 -17.24 -18.79
N ALA C 193 13.23 -17.59 -18.97
CA ALA C 193 12.16 -16.61 -18.98
C ALA C 193 10.96 -17.23 -18.29
N LEU C 194 10.29 -16.45 -17.45
CA LEU C 194 9.09 -16.91 -16.77
C LEU C 194 7.92 -16.02 -17.15
N TYR C 195 6.84 -16.64 -17.61
CA TYR C 195 5.57 -15.96 -17.89
C TYR C 195 4.49 -16.57 -17.02
N THR C 196 3.66 -15.71 -16.42
CA THR C 196 2.69 -16.20 -15.45
C THR C 196 1.43 -15.34 -15.50
N CYS C 197 0.30 -15.95 -15.12
CA CYS C 197 -1.01 -15.31 -15.12
C CYS C 197 -1.95 -16.16 -14.29
N GLY C 198 -2.70 -15.53 -13.40
CA GLY C 198 -3.57 -16.25 -12.49
C GLY C 198 -3.97 -15.38 -11.32
N ALA C 199 -4.53 -16.03 -10.30
CA ALA C 199 -5.07 -15.30 -9.17
C ALA C 199 -3.97 -14.53 -8.43
N PRO C 200 -4.28 -13.37 -7.88
CA PRO C 200 -3.23 -12.55 -7.23
C PRO C 200 -2.37 -13.31 -6.23
N ALA C 201 -2.91 -14.29 -5.50
CA ALA C 201 -2.08 -15.07 -4.58
C ALA C 201 -1.02 -15.89 -5.31
N MET C 202 -1.39 -16.50 -6.44
CA MET C 202 -0.41 -17.26 -7.21
C MET C 202 0.65 -16.35 -7.80
N LEU C 203 0.24 -15.19 -8.32
CA LEU C 203 1.18 -14.22 -8.83
C LEU C 203 2.16 -13.76 -7.75
N LYS C 204 1.67 -13.62 -6.52
CA LYS C 204 2.56 -13.20 -5.45
C LYS C 204 3.68 -14.24 -5.22
N ALA C 205 3.34 -15.53 -5.29
CA ALA C 205 4.33 -16.55 -4.98
C ALA C 205 5.37 -16.70 -6.10
N VAL C 206 4.93 -16.60 -7.36
CA VAL C 206 5.88 -16.67 -8.47
C VAL C 206 6.82 -15.48 -8.43
N ALA C 207 6.27 -14.27 -8.27
CA ALA C 207 7.12 -13.09 -8.26
C ALA C 207 8.12 -13.12 -7.11
N LYS C 208 7.72 -13.70 -5.98
CA LYS C 208 8.61 -13.81 -4.84
C LYS C 208 9.69 -14.87 -5.07
N LYS C 209 9.33 -15.97 -5.75
CA LYS C 209 10.32 -17.02 -5.96
C LYS C 209 11.39 -16.58 -6.95
N TYR C 210 11.06 -15.66 -7.86
CA TYR C 210 11.93 -15.25 -8.95
C TYR C 210 12.13 -13.73 -9.04
N GLU C 211 12.07 -13.00 -7.91
CA GLU C 211 12.19 -11.54 -8.02
C GLU C 211 13.52 -11.13 -8.64
N GLN C 212 14.54 -11.98 -8.57
CA GLN C 212 15.86 -11.64 -9.10
C GLN C 212 15.98 -11.94 -10.59
N LEU C 213 14.98 -12.55 -11.20
CA LEU C 213 15.05 -12.92 -12.59
C LEU C 213 14.47 -11.78 -13.42
N GLU C 214 15.28 -11.24 -14.35
CA GLU C 214 14.83 -10.10 -15.13
C GLU C 214 13.70 -10.49 -16.07
N ARG C 215 13.89 -11.57 -16.83
CA ARG C 215 12.86 -12.04 -17.78
C ARG C 215 11.77 -12.79 -17.00
N LEU C 216 11.07 -12.03 -16.17
CA LEU C 216 9.91 -12.47 -15.40
C LEU C 216 8.72 -11.62 -15.83
N TYR C 217 7.77 -12.25 -16.52
CA TYR C 217 6.63 -11.55 -17.12
C TYR C 217 5.35 -11.97 -16.39
N ILE C 218 4.66 -11.00 -15.79
CA ILE C 218 3.50 -11.20 -14.95
C ILE C 218 2.30 -10.54 -15.62
N SER C 219 1.22 -11.29 -15.83
CA SER C 219 0.00 -10.72 -16.41
C SER C 219 -1.00 -10.35 -15.30
N MET C 220 -1.40 -9.08 -15.25
CA MET C 220 -2.15 -8.52 -14.14
C MET C 220 -3.61 -8.24 -14.50
N GLU C 221 -4.43 -8.15 -13.46
CA GLU C 221 -5.82 -7.74 -13.61
C GLU C 221 -6.10 -6.56 -12.70
N SER C 222 -7.19 -5.85 -12.98
CA SER C 222 -7.62 -4.70 -12.18
C SER C 222 -9.04 -4.34 -12.60
N ARG C 223 -9.65 -3.43 -11.85
CA ARG C 223 -10.92 -2.82 -12.25
C ARG C 223 -10.64 -1.79 -13.31
N MET C 224 -11.42 -1.82 -14.38
CA MET C 224 -11.20 -0.95 -15.52
C MET C 224 -12.48 -0.24 -15.89
N ALA C 225 -12.30 0.89 -16.56
CA ALA C 225 -13.37 1.60 -17.21
C ALA C 225 -13.03 1.82 -18.67
N CYS C 226 -12.13 2.77 -18.96
CA CYS C 226 -11.89 3.14 -20.36
C CYS C 226 -11.19 2.02 -21.13
N GLY C 227 -10.23 1.35 -20.50
CA GLY C 227 -9.49 0.28 -21.15
C GLY C 227 -8.35 0.71 -22.05
N ILE C 228 -8.06 2.00 -22.15
CA ILE C 228 -7.04 2.49 -23.08
C ILE C 228 -6.02 3.42 -22.41
N GLY C 229 -6.16 3.69 -21.11
CA GLY C 229 -5.17 4.44 -20.38
C GLY C 229 -5.54 5.85 -20.04
N ALA C 230 -6.80 6.24 -20.21
CA ALA C 230 -7.18 7.64 -20.01
C ALA C 230 -7.85 7.90 -18.67
N CYS C 231 -8.55 6.92 -18.10
CA CYS C 231 -9.31 7.19 -16.89
C CYS C 231 -8.52 6.97 -15.60
N TYR C 232 -7.35 6.33 -15.68
CA TYR C 232 -6.47 6.10 -14.52
C TYR C 232 -7.16 5.30 -13.42
N ALA C 233 -8.08 4.40 -13.84
CA ALA C 233 -8.80 3.54 -12.90
C ALA C 233 -7.96 2.37 -12.41
N CYS C 234 -7.09 1.85 -13.26
CA CYS C 234 -6.48 0.55 -13.03
C CYS C 234 -5.00 0.64 -12.64
N VAL C 235 -4.68 1.52 -11.73
CA VAL C 235 -3.29 1.84 -11.44
C VAL C 235 -2.70 0.77 -10.54
N GLU C 236 -1.38 0.57 -10.68
CA GLU C 236 -0.55 -0.17 -9.73
C GLU C 236 0.62 0.73 -9.39
N HIS C 237 1.13 0.64 -8.17
CA HIS C 237 2.34 1.40 -7.84
C HIS C 237 3.53 0.75 -8.51
N ASP C 238 4.34 1.56 -9.20
CA ASP C 238 5.57 1.11 -9.85
C ASP C 238 6.64 0.79 -8.80
N LYS C 239 7.22 -0.41 -8.88
CA LYS C 239 8.25 -0.78 -7.91
C LYS C 239 9.52 0.04 -8.09
N GLU C 240 9.77 0.54 -9.30
CA GLU C 240 10.99 1.31 -9.54
C GLU C 240 10.81 2.76 -9.13
N ASP C 241 9.57 3.24 -9.12
CA ASP C 241 9.26 4.61 -8.70
C ASP C 241 7.82 4.56 -8.18
N GLU C 242 7.64 4.44 -6.87
CA GLU C 242 6.27 4.35 -6.37
C GLU C 242 5.46 5.62 -6.67
N ASN C 243 6.10 6.73 -7.00
CA ASN C 243 5.34 7.91 -7.40
C ASN C 243 4.75 7.76 -8.80
N HIS C 244 5.23 6.80 -9.58
CA HIS C 244 4.73 6.59 -10.92
C HIS C 244 3.62 5.55 -10.90
N ALA C 245 2.51 5.83 -11.60
CA ALA C 245 1.36 4.93 -11.63
C ALA C 245 1.40 4.12 -12.93
N LEU C 246 1.37 2.80 -12.81
CA LEU C 246 1.20 1.96 -13.98
C LEU C 246 -0.28 1.65 -14.19
N LYS C 247 -0.70 1.66 -15.45
CA LYS C 247 -2.08 1.37 -15.81
C LYS C 247 -2.10 -0.02 -16.42
N VAL C 248 -2.88 -0.92 -15.81
CA VAL C 248 -2.89 -2.33 -16.24
C VAL C 248 -3.38 -2.46 -17.68
N CYS C 249 -4.31 -1.61 -18.10
CA CYS C 249 -4.85 -1.73 -19.45
C CYS C 249 -3.85 -1.26 -20.51
N GLU C 250 -3.11 -0.19 -20.23
CA GLU C 250 -2.25 0.40 -21.26
C GLU C 250 -0.79 0.00 -21.10
N ASP C 251 -0.20 0.21 -19.92
CA ASP C 251 1.18 -0.23 -19.66
C ASP C 251 1.28 -1.75 -19.63
N GLY C 252 0.34 -2.39 -18.94
CA GLY C 252 0.21 -3.82 -18.95
C GLY C 252 -0.65 -4.27 -20.11
N PRO C 253 -1.38 -5.40 -19.94
CA PRO C 253 -1.53 -6.09 -18.66
C PRO C 253 -0.30 -6.82 -18.16
N VAL C 254 0.67 -7.12 -19.02
CA VAL C 254 1.86 -7.84 -18.55
C VAL C 254 2.96 -6.84 -18.20
N PHE C 255 3.62 -7.10 -17.09
CA PHE C 255 4.73 -6.29 -16.63
C PHE C 255 5.93 -7.19 -16.38
N LEU C 256 7.08 -6.57 -16.24
CA LEU C 256 8.22 -7.24 -15.65
C LEU C 256 8.04 -7.30 -14.14
N GLY C 257 8.56 -8.38 -13.53
CA GLY C 257 8.53 -8.47 -12.08
C GLY C 257 9.23 -7.31 -11.45
N LYS C 258 10.17 -6.72 -12.19
CA LYS C 258 10.91 -5.54 -11.77
C LYS C 258 9.98 -4.36 -11.46
N GLN C 259 8.82 -4.27 -12.10
CA GLN C 259 7.92 -3.15 -11.88
C GLN C 259 6.81 -3.38 -10.85
N LEU C 260 6.64 -4.58 -10.33
CA LEU C 260 5.47 -4.83 -9.50
C LEU C 260 5.84 -5.15 -8.05
N LEU C 261 4.92 -4.77 -7.16
CA LEU C 261 5.00 -5.04 -5.73
C LEU C 261 3.87 -6.00 -5.41
N LEU C 262 4.12 -7.27 -5.74
CA LEU C 262 3.24 -8.43 -5.66
C LEU C 262 2.64 -8.61 -7.04
N ASN D 1 -20.63 24.94 -39.46
CA ASN D 1 -21.05 26.31 -39.22
C ASN D 1 -22.26 26.26 -38.32
N ARG D 2 -23.13 25.26 -38.52
CA ARG D 2 -24.31 25.12 -37.69
C ARG D 2 -23.91 24.86 -36.24
N LEU D 3 -22.93 23.98 -36.03
CA LEU D 3 -22.51 23.53 -34.72
C LEU D 3 -21.59 24.52 -34.01
N SER D 4 -21.11 25.54 -34.70
CA SER D 4 -20.11 26.42 -34.10
C SER D 4 -20.75 27.24 -32.99
N VAL D 5 -20.04 27.34 -31.88
CA VAL D 5 -20.43 28.17 -30.76
C VAL D 5 -19.21 28.97 -30.31
N LYS D 6 -19.44 30.22 -29.93
CA LYS D 6 -18.40 31.13 -29.46
C LYS D 6 -18.68 31.41 -27.98
N LEU D 7 -17.70 31.10 -27.14
CA LEU D 7 -17.80 31.30 -25.71
C LEU D 7 -16.61 32.13 -25.24
N PRO D 8 -16.67 32.74 -24.05
CA PRO D 8 -15.48 33.41 -23.51
C PRO D 8 -14.27 32.48 -23.59
N GLY D 9 -13.19 32.97 -24.18
CA GLY D 9 -12.01 32.17 -24.41
C GLY D 9 -12.19 31.01 -25.36
N LEU D 10 -13.36 30.84 -25.98
CA LEU D 10 -13.66 29.58 -26.66
C LEU D 10 -14.38 29.84 -27.98
N ASP D 11 -13.69 29.64 -29.08
CA ASP D 11 -14.34 29.72 -30.38
C ASP D 11 -14.43 28.29 -30.89
N LEU D 12 -15.52 27.61 -30.51
CA LEU D 12 -15.63 26.17 -30.70
C LEU D 12 -16.23 25.84 -32.06
N LYS D 13 -15.58 24.92 -32.77
CA LYS D 13 -16.09 24.43 -34.05
C LYS D 13 -17.33 23.57 -33.88
N ASN D 14 -17.53 22.99 -32.69
CA ASN D 14 -18.76 22.30 -32.32
C ASN D 14 -18.77 22.20 -30.80
N PRO D 15 -19.89 21.84 -30.18
CA PRO D 15 -20.01 21.99 -28.72
C PRO D 15 -19.47 20.83 -27.90
N ILE D 16 -18.91 19.80 -28.54
CA ILE D 16 -18.57 18.54 -27.88
C ILE D 16 -17.20 18.62 -27.24
N ILE D 17 -17.14 18.39 -25.93
CA ILE D 17 -15.90 18.47 -25.16
C ILE D 17 -15.80 17.27 -24.24
N PRO D 18 -14.77 16.43 -24.37
CA PRO D 18 -14.54 15.40 -23.36
C PRO D 18 -14.36 16.05 -21.98
N ALA D 19 -15.02 15.48 -21.00
CA ALA D 19 -15.01 16.05 -19.65
C ALA D 19 -13.73 15.69 -18.92
N SER D 20 -13.29 16.59 -18.05
CA SER D 20 -12.08 16.36 -17.29
C SER D 20 -12.15 15.00 -16.61
N GLY D 21 -11.03 14.28 -16.63
CA GLY D 21 -10.91 12.97 -16.04
C GLY D 21 -11.38 11.81 -16.92
N CYS D 22 -12.02 12.07 -18.04
CA CYS D 22 -12.49 11.03 -18.94
C CYS D 22 -11.73 11.02 -20.25
N PHE D 23 -10.68 11.85 -20.36
CA PHE D 23 -9.90 11.95 -21.58
C PHE D 23 -8.40 12.03 -21.30
N GLY D 24 -7.98 11.95 -20.04
CA GLY D 24 -6.58 12.16 -19.69
C GLY D 24 -6.11 13.52 -20.16
N PHE D 25 -4.98 13.54 -20.86
CA PHE D 25 -4.54 14.72 -21.60
C PHE D 25 -4.55 14.45 -23.09
N GLY D 26 -5.48 13.62 -23.53
CA GLY D 26 -5.71 13.35 -24.93
C GLY D 26 -4.74 12.42 -25.60
N GLU D 27 -3.68 11.96 -24.91
CA GLU D 27 -2.68 11.18 -25.64
C GLU D 27 -3.17 9.78 -25.97
N GLU D 28 -4.18 9.27 -25.27
CA GLU D 28 -4.63 7.91 -25.54
C GLU D 28 -5.63 7.88 -26.68
N TYR D 29 -6.68 8.69 -26.60
CA TYR D 29 -7.67 8.67 -27.67
C TYR D 29 -7.10 9.16 -28.99
N ALA D 30 -6.07 10.01 -28.95
CA ALA D 30 -5.49 10.50 -30.20
C ALA D 30 -4.98 9.38 -31.09
N LYS D 31 -4.65 8.21 -30.51
CA LYS D 31 -4.24 7.05 -31.29
C LYS D 31 -5.38 6.47 -32.12
N TYR D 32 -6.63 6.89 -31.86
CA TYR D 32 -7.82 6.26 -32.42
C TYR D 32 -8.66 7.16 -33.32
N TYR D 33 -8.56 8.49 -33.20
CA TYR D 33 -9.17 9.41 -34.16
C TYR D 33 -8.55 10.80 -34.03
N ASP D 34 -8.78 11.64 -35.04
CA ASP D 34 -8.19 12.97 -35.04
C ASP D 34 -8.88 13.84 -33.99
N LEU D 35 -8.13 14.24 -32.97
CA LEU D 35 -8.74 15.04 -31.91
C LEU D 35 -9.31 16.34 -32.43
N ASN D 36 -8.87 16.83 -33.58
CA ASN D 36 -9.41 18.09 -34.07
C ASN D 36 -10.90 18.01 -34.37
N LYS D 37 -11.45 16.81 -34.54
CA LYS D 37 -12.89 16.71 -34.72
C LYS D 37 -13.63 17.27 -33.53
N LEU D 38 -13.01 17.24 -32.35
CA LEU D 38 -13.61 17.70 -31.12
C LEU D 38 -13.69 19.22 -31.08
N GLY D 39 -14.59 19.74 -30.27
CA GLY D 39 -14.67 21.18 -30.09
C GLY D 39 -13.57 21.72 -29.20
N SER D 40 -13.25 20.97 -28.15
CA SER D 40 -12.25 21.30 -27.13
C SER D 40 -12.03 20.03 -26.30
N ILE D 41 -11.23 20.15 -25.25
CA ILE D 41 -10.96 19.06 -24.31
C ILE D 41 -10.77 19.65 -22.93
N MET D 42 -11.54 19.15 -21.96
CA MET D 42 -11.27 19.33 -20.53
C MET D 42 -10.32 18.22 -20.08
N VAL D 43 -9.05 18.56 -19.87
CA VAL D 43 -8.05 17.56 -19.48
C VAL D 43 -8.21 17.20 -18.01
N LYS D 44 -7.54 16.12 -17.58
CA LYS D 44 -7.52 15.73 -16.17
C LYS D 44 -7.14 16.91 -15.29
N ALA D 45 -7.64 16.88 -14.05
CA ALA D 45 -7.40 18.00 -13.15
C ALA D 45 -5.92 18.18 -12.90
N THR D 46 -5.51 19.46 -12.82
CA THR D 46 -4.15 19.84 -12.46
C THR D 46 -4.16 20.32 -11.02
N THR D 47 -3.31 19.73 -10.20
CA THR D 47 -3.02 20.21 -8.87
C THR D 47 -1.57 20.69 -8.80
N LEU D 48 -1.27 21.47 -7.75
CA LEU D 48 0.06 22.07 -7.65
C LEU D 48 1.15 21.00 -7.58
N HIS D 49 1.04 20.07 -6.63
CA HIS D 49 2.04 19.02 -6.50
C HIS D 49 1.51 17.73 -7.11
N PRO D 50 2.40 16.81 -7.52
CA PRO D 50 1.91 15.55 -8.09
C PRO D 50 1.07 14.80 -7.08
N ARG D 51 0.17 13.97 -7.60
CA ARG D 51 -0.69 13.16 -6.75
C ARG D 51 -0.81 11.80 -7.41
N PHE D 52 -0.61 10.74 -6.62
CA PHE D 52 -0.82 9.39 -7.14
C PHE D 52 -2.29 9.03 -7.18
N GLY D 53 -3.08 9.58 -6.25
CA GLY D 53 -4.49 9.25 -6.13
C GLY D 53 -4.75 8.21 -5.06
N ASN D 54 -6.00 7.73 -5.06
CA ASN D 54 -6.55 6.81 -4.08
C ASN D 54 -6.13 5.36 -4.31
N PRO D 55 -6.22 4.54 -3.28
CA PRO D 55 -5.98 3.11 -3.47
C PRO D 55 -7.08 2.50 -4.34
N THR D 56 -6.75 1.42 -4.96
CA THR D 56 -7.72 0.69 -5.77
C THR D 56 -8.51 -0.30 -4.92
N PRO D 57 -9.67 -0.77 -5.40
CA PRO D 57 -10.38 -0.46 -6.64
C PRO D 57 -10.83 1.00 -6.72
N ARG D 58 -10.72 1.60 -7.91
CA ARG D 58 -11.08 2.99 -8.11
C ARG D 58 -12.40 3.21 -8.85
N VAL D 59 -12.99 2.16 -9.43
CA VAL D 59 -14.25 2.29 -10.16
C VAL D 59 -15.20 1.15 -9.82
N ALA D 60 -16.48 1.40 -10.08
CA ALA D 60 -17.52 0.40 -9.91
C ALA D 60 -18.67 0.75 -10.85
N GLU D 61 -19.37 -0.29 -11.31
CA GLU D 61 -20.52 -0.11 -12.18
C GLU D 61 -21.77 0.09 -11.34
N THR D 62 -22.67 0.94 -11.81
CA THR D 62 -24.00 1.10 -11.24
C THR D 62 -25.00 0.97 -12.39
N ALA D 63 -26.30 1.01 -12.07
CA ALA D 63 -27.29 0.89 -13.14
C ALA D 63 -27.24 2.14 -14.02
N SER D 64 -26.88 1.97 -15.29
CA SER D 64 -26.76 3.09 -16.23
C SER D 64 -25.78 4.14 -15.73
N GLY D 65 -24.79 3.70 -14.96
CA GLY D 65 -23.81 4.62 -14.44
C GLY D 65 -22.59 3.89 -13.92
N MET D 66 -21.71 4.68 -13.30
CA MET D 66 -20.53 4.15 -12.65
C MET D 66 -20.16 5.07 -11.50
N LEU D 67 -19.35 4.53 -10.60
CA LEU D 67 -18.70 5.28 -9.53
C LEU D 67 -17.21 5.41 -9.80
N ASN D 68 -16.65 6.58 -9.58
CA ASN D 68 -15.21 6.71 -9.69
C ASN D 68 -14.68 7.33 -8.41
N ALA D 69 -13.53 6.86 -7.97
CA ALA D 69 -12.84 7.41 -6.82
C ALA D 69 -11.35 7.50 -7.13
N ILE D 70 -11.04 8.19 -8.23
CA ILE D 70 -9.68 8.26 -8.78
C ILE D 70 -8.73 8.87 -7.78
N GLY D 71 -9.16 9.96 -7.14
CA GLY D 71 -8.32 10.66 -6.19
C GLY D 71 -7.46 11.75 -6.78
N LEU D 72 -7.84 12.32 -7.94
CA LEU D 72 -7.17 13.47 -8.56
C LEU D 72 -5.73 13.15 -8.96
N GLN D 73 -5.46 11.90 -9.34
CA GLN D 73 -4.14 11.53 -9.83
C GLN D 73 -3.77 12.38 -11.03
N ASN D 74 -2.63 13.06 -10.93
CA ASN D 74 -2.09 13.84 -12.04
C ASN D 74 -0.62 14.12 -11.73
N PRO D 75 0.23 14.24 -12.77
CA PRO D 75 1.67 14.37 -12.53
C PRO D 75 2.11 15.73 -12.00
N GLY D 76 1.17 16.64 -11.76
CA GLY D 76 1.46 17.90 -11.13
C GLY D 76 1.63 19.03 -12.14
N LEU D 77 1.63 20.25 -11.60
CA LEU D 77 1.71 21.45 -12.43
C LEU D 77 2.96 21.47 -13.30
N GLU D 78 4.13 21.24 -12.69
CA GLU D 78 5.39 21.36 -13.42
C GLU D 78 5.45 20.39 -14.59
N VAL D 79 5.04 19.14 -14.39
CA VAL D 79 5.07 18.17 -15.49
C VAL D 79 4.00 18.50 -16.53
N ILE D 80 2.83 18.98 -16.08
CA ILE D 80 1.74 19.30 -17.02
C ILE D 80 2.12 20.48 -17.90
N MET D 81 2.77 21.49 -17.31
CA MET D 81 3.25 22.64 -18.07
C MET D 81 4.42 22.27 -18.98
N ALA D 82 5.23 21.27 -18.60
CA ALA D 82 6.44 20.96 -19.35
C ALA D 82 6.25 19.85 -20.36
N GLU D 83 5.39 18.86 -20.09
CA GLU D 83 5.13 17.77 -21.01
C GLU D 83 3.70 17.76 -21.54
N LYS D 84 2.69 17.70 -20.66
CA LYS D 84 1.36 17.26 -21.10
C LYS D 84 0.65 18.31 -21.95
N LEU D 85 0.72 19.59 -21.56
CA LEU D 85 0.09 20.62 -22.40
C LEU D 85 0.89 20.88 -23.67
N PRO D 86 2.22 21.05 -23.64
CA PRO D 86 2.98 21.16 -24.91
C PRO D 86 2.76 20.02 -25.89
N TRP D 87 2.55 18.79 -25.41
CA TRP D 87 2.24 17.70 -26.33
C TRP D 87 0.94 17.99 -27.07
N LEU D 88 -0.07 18.49 -26.35
CA LEU D 88 -1.30 18.90 -27.02
C LEU D 88 -1.04 20.06 -27.97
N ASN D 89 -0.18 20.99 -27.54
CA ASN D 89 0.12 22.17 -28.34
C ASN D 89 0.79 21.79 -29.66
N GLU D 90 1.68 20.79 -29.64
CA GLU D 90 2.38 20.36 -30.84
C GLU D 90 1.50 19.53 -31.77
N ASN D 91 0.76 18.57 -31.24
CA ASN D 91 -0.01 17.69 -32.12
C ASN D 91 -1.34 18.29 -32.53
N PHE D 92 -1.88 19.26 -31.79
CA PHE D 92 -3.17 19.87 -32.09
C PHE D 92 -3.15 21.33 -31.70
N PRO D 93 -2.36 22.15 -32.40
CA PRO D 93 -2.20 23.57 -31.99
C PRO D 93 -3.49 24.39 -32.00
N ASP D 94 -4.46 24.03 -32.84
CA ASP D 94 -5.67 24.82 -32.95
C ASP D 94 -6.83 24.24 -32.16
N LEU D 95 -6.56 23.30 -31.26
CA LEU D 95 -7.65 22.69 -30.51
C LEU D 95 -7.68 23.27 -29.10
N PRO D 96 -8.60 24.16 -28.78
CA PRO D 96 -8.55 24.85 -27.47
C PRO D 96 -8.73 23.89 -26.30
N ILE D 97 -7.89 24.06 -25.29
CA ILE D 97 -7.80 23.16 -24.15
C ILE D 97 -8.36 23.87 -22.92
N ILE D 98 -9.22 23.17 -22.19
CA ILE D 98 -9.78 23.67 -20.92
C ILE D 98 -9.05 22.96 -19.78
N ALA D 99 -8.40 23.76 -18.91
CA ALA D 99 -7.53 23.23 -17.85
C ALA D 99 -8.32 23.14 -16.56
N ASN D 100 -8.71 21.91 -16.21
CA ASN D 100 -9.27 21.62 -14.89
C ASN D 100 -8.21 21.88 -13.82
N VAL D 101 -8.57 22.69 -12.82
CA VAL D 101 -7.66 23.13 -11.78
C VAL D 101 -8.26 22.74 -10.44
N ALA D 102 -7.54 21.91 -9.68
CA ALA D 102 -8.02 21.42 -8.40
C ALA D 102 -7.02 21.80 -7.30
N GLY D 103 -7.43 21.60 -6.05
CA GLY D 103 -6.54 21.95 -4.96
C GLY D 103 -7.11 21.56 -3.62
N SER D 104 -6.28 21.72 -2.59
CA SER D 104 -6.66 21.42 -1.22
C SER D 104 -6.79 22.67 -0.36
N GLU D 105 -6.22 23.80 -0.80
CA GLU D 105 -6.40 25.07 -0.10
C GLU D 105 -6.38 26.15 -1.17
N GLU D 106 -6.83 27.35 -0.76
CA GLU D 106 -7.01 28.44 -1.72
C GLU D 106 -5.70 28.78 -2.42
N ASP D 107 -4.59 28.80 -1.68
CA ASP D 107 -3.30 29.16 -2.26
C ASP D 107 -2.95 28.29 -3.46
N ASP D 108 -3.22 26.98 -3.36
CA ASP D 108 -2.83 26.05 -4.42
C ASP D 108 -3.60 26.32 -5.71
N TYR D 109 -4.92 26.54 -5.60
CA TYR D 109 -5.67 26.95 -6.78
C TYR D 109 -5.05 28.19 -7.39
N VAL D 110 -4.78 29.19 -6.54
CA VAL D 110 -4.24 30.46 -7.02
C VAL D 110 -2.88 30.25 -7.67
N ALA D 111 -2.06 29.40 -7.06
CA ALA D 111 -0.74 29.11 -7.62
C ALA D 111 -0.87 28.54 -9.04
N VAL D 112 -1.78 27.58 -9.25
CA VAL D 112 -1.94 26.97 -10.57
C VAL D 112 -2.53 27.97 -11.55
N CYS D 113 -3.63 28.63 -11.17
CA CYS D 113 -4.29 29.55 -12.09
C CYS D 113 -3.38 30.69 -12.51
N ALA D 114 -2.39 31.04 -11.67
CA ALA D 114 -1.43 32.07 -12.06
C ALA D 114 -0.48 31.54 -13.13
N LYS D 115 -0.01 30.31 -12.96
CA LYS D 115 0.99 29.80 -13.88
C LYS D 115 0.37 29.17 -15.12
N ILE D 116 -0.78 28.51 -14.99
CA ILE D 116 -1.21 27.59 -16.05
C ILE D 116 -1.82 28.31 -17.25
N GLY D 117 -2.21 29.57 -17.11
CA GLY D 117 -2.58 30.34 -18.28
C GLY D 117 -1.43 30.56 -19.25
N ASP D 118 -0.19 30.41 -18.79
CA ASP D 118 0.97 30.65 -19.64
C ASP D 118 1.07 29.64 -20.78
N ALA D 119 0.44 28.48 -20.67
CA ALA D 119 0.44 27.53 -21.77
C ALA D 119 -0.34 28.10 -22.96
N PRO D 120 0.24 28.09 -24.17
CA PRO D 120 -0.45 28.72 -25.32
C PRO D 120 -1.82 28.14 -25.65
N ASN D 121 -1.99 26.81 -25.64
CA ASN D 121 -3.25 26.24 -26.12
C ASN D 121 -4.33 26.19 -25.04
N VAL D 122 -4.01 26.56 -23.80
CA VAL D 122 -5.00 26.59 -22.73
C VAL D 122 -5.79 27.90 -22.85
N LYS D 123 -7.03 27.82 -23.31
CA LYS D 123 -7.83 29.03 -23.50
C LYS D 123 -8.75 29.35 -22.33
N VAL D 124 -9.02 28.39 -21.44
CA VAL D 124 -9.93 28.59 -20.32
C VAL D 124 -9.43 27.78 -19.13
N ILE D 125 -9.75 28.24 -17.92
CA ILE D 125 -9.51 27.47 -16.70
C ILE D 125 -10.85 27.04 -16.15
N GLU D 126 -10.96 25.77 -15.82
CA GLU D 126 -12.14 25.19 -15.22
C GLU D 126 -11.80 24.92 -13.76
N LEU D 127 -12.26 25.79 -12.86
CA LEU D 127 -12.03 25.61 -11.43
C LEU D 127 -12.85 24.44 -10.90
N ASN D 128 -12.19 23.38 -10.42
CA ASN D 128 -12.88 22.21 -9.86
C ASN D 128 -13.07 22.42 -8.36
N ILE D 129 -14.23 22.97 -7.99
CA ILE D 129 -14.47 23.35 -6.59
C ILE D 129 -15.19 22.27 -5.79
N SER D 130 -15.22 21.01 -6.24
CA SER D 130 -15.75 19.97 -5.36
C SER D 130 -14.67 19.30 -4.51
N CYS D 131 -13.61 20.07 -4.10
CA CYS D 131 -12.48 19.49 -3.40
C CYS D 131 -12.52 19.82 -1.92
N PRO D 132 -12.05 18.92 -1.06
CA PRO D 132 -12.12 19.18 0.39
C PRO D 132 -11.21 20.36 0.77
N ASN D 133 -11.78 21.31 1.51
CA ASN D 133 -11.04 22.45 2.06
C ASN D 133 -10.59 22.07 3.46
N VAL D 134 -9.28 21.90 3.63
CA VAL D 134 -8.73 21.50 4.93
C VAL D 134 -8.67 22.67 5.92
N LYS D 135 -8.56 23.91 5.42
CA LYS D 135 -8.70 25.10 6.26
C LYS D 135 -10.15 25.36 6.65
N HIS D 136 -11.00 24.33 6.52
CA HIS D 136 -12.41 24.45 6.87
C HIS D 136 -13.05 23.14 7.33
N GLY D 137 -12.29 22.06 7.51
CA GLY D 137 -12.86 20.83 8.02
C GLY D 137 -13.28 19.82 7.00
N GLY D 138 -12.67 19.82 5.81
CA GLY D 138 -13.03 18.86 4.78
C GLY D 138 -14.25 19.24 3.98
N GLN D 139 -14.81 20.43 4.25
CA GLN D 139 -15.88 20.97 3.44
C GLN D 139 -15.41 21.19 2.00
N ALA D 140 -16.33 21.01 1.06
CA ALA D 140 -16.02 21.30 -0.35
C ALA D 140 -16.25 22.79 -0.61
N PHE D 141 -15.30 23.43 -1.31
CA PHE D 141 -15.46 24.82 -1.69
C PHE D 141 -16.81 25.05 -2.38
N GLY D 142 -17.35 24.02 -3.03
CA GLY D 142 -18.57 24.11 -3.80
C GLY D 142 -19.86 24.04 -3.01
N THR D 143 -19.79 23.97 -1.68
CA THR D 143 -20.99 23.92 -0.85
C THR D 143 -21.21 25.16 0.02
N ASP D 144 -20.30 26.13 0.03
CA ASP D 144 -20.49 27.34 0.82
C ASP D 144 -20.33 28.54 -0.11
N PRO D 145 -21.38 29.35 -0.30
CA PRO D 145 -21.26 30.49 -1.24
C PRO D 145 -20.18 31.49 -0.86
N ASP D 146 -19.99 31.75 0.42
CA ASP D 146 -18.95 32.69 0.83
C ASP D 146 -17.57 32.12 0.56
N VAL D 147 -17.36 30.88 1.02
CA VAL D 147 -16.07 30.21 0.84
C VAL D 147 -15.73 30.12 -0.65
N ALA D 148 -16.72 29.77 -1.48
CA ALA D 148 -16.50 29.68 -2.92
C ALA D 148 -16.13 31.03 -3.53
N ALA D 149 -16.81 32.10 -3.11
CA ALA D 149 -16.54 33.42 -3.70
C ALA D 149 -15.11 33.88 -3.39
N ALA D 150 -14.65 33.63 -2.16
CA ALA D 150 -13.24 33.87 -1.86
C ALA D 150 -12.35 33.15 -2.87
N LEU D 151 -12.55 31.84 -3.05
CA LEU D 151 -11.74 31.04 -3.97
C LEU D 151 -11.85 31.53 -5.41
N VAL D 152 -13.07 31.86 -5.85
CA VAL D 152 -13.23 32.35 -7.21
C VAL D 152 -12.53 33.70 -7.37
N LYS D 153 -12.77 34.62 -6.43
CA LYS D 153 -12.20 35.96 -6.52
C LYS D 153 -10.68 35.90 -6.48
N ALA D 154 -10.15 35.08 -5.57
CA ALA D 154 -8.70 34.89 -5.48
C ALA D 154 -8.12 34.48 -6.83
N CYS D 155 -8.68 33.45 -7.45
CA CYS D 155 -8.14 32.96 -8.73
C CYS D 155 -8.36 33.93 -9.87
N LYS D 156 -9.48 34.67 -9.86
CA LYS D 156 -9.73 35.59 -10.96
C LYS D 156 -8.61 36.62 -11.09
N ALA D 157 -7.96 36.96 -9.98
CA ALA D 157 -6.97 38.03 -9.98
C ALA D 157 -5.74 37.69 -10.83
N VAL D 158 -5.31 36.42 -10.82
CA VAL D 158 -4.02 36.05 -11.43
C VAL D 158 -4.18 35.36 -12.78
N SER D 159 -5.39 35.12 -13.24
CA SER D 159 -5.60 34.27 -14.41
C SER D 159 -5.46 35.08 -15.69
N LYS D 160 -4.63 34.58 -16.60
CA LYS D 160 -4.43 35.16 -17.91
C LYS D 160 -5.47 34.68 -18.92
N VAL D 161 -6.47 33.93 -18.47
CA VAL D 161 -7.52 33.38 -19.33
C VAL D 161 -8.84 33.44 -18.58
N PRO D 162 -9.96 33.29 -19.29
CA PRO D 162 -11.26 33.36 -18.61
C PRO D 162 -11.47 32.20 -17.64
N LEU D 163 -12.14 32.49 -16.53
CA LEU D 163 -12.27 31.56 -15.42
C LEU D 163 -13.68 31.01 -15.34
N TYR D 164 -13.81 29.70 -15.55
CA TYR D 164 -15.07 29.01 -15.32
C TYR D 164 -14.99 28.25 -14.00
N VAL D 165 -16.14 28.17 -13.35
CA VAL D 165 -16.28 27.42 -12.12
C VAL D 165 -17.15 26.20 -12.39
N LYS D 166 -16.73 25.05 -11.84
CA LYS D 166 -17.39 23.77 -12.05
C LYS D 166 -18.15 23.38 -10.80
N LEU D 167 -19.47 23.30 -10.91
CA LEU D 167 -20.35 23.19 -9.76
C LEU D 167 -20.59 21.73 -9.35
N SER D 168 -20.67 21.53 -8.04
CA SER D 168 -21.09 20.25 -7.48
C SER D 168 -22.61 20.20 -7.40
N PRO D 169 -23.20 19.03 -7.66
CA PRO D 169 -24.65 18.88 -7.49
C PRO D 169 -25.10 18.50 -6.09
N ASN D 170 -24.17 18.15 -5.21
CA ASN D 170 -24.51 17.64 -3.87
C ASN D 170 -24.81 18.80 -2.94
N VAL D 171 -25.73 19.68 -3.33
CA VAL D 171 -26.03 20.86 -2.53
C VAL D 171 -27.53 20.92 -2.33
N THR D 172 -27.95 21.56 -1.23
CA THR D 172 -29.36 21.70 -0.94
C THR D 172 -30.05 22.63 -1.91
N ASP D 173 -29.50 23.83 -2.04
CA ASP D 173 -29.96 24.84 -2.99
C ASP D 173 -28.71 25.29 -3.75
N ILE D 174 -28.75 25.23 -5.09
CA ILE D 174 -27.55 25.60 -5.85
C ILE D 174 -27.56 27.07 -6.30
N VAL D 175 -28.70 27.76 -6.15
CA VAL D 175 -28.79 29.16 -6.60
C VAL D 175 -27.84 30.10 -5.86
N PRO D 176 -27.76 30.09 -4.51
CA PRO D 176 -26.79 30.97 -3.84
C PRO D 176 -25.37 30.83 -4.33
N ILE D 177 -24.95 29.59 -4.62
CA ILE D 177 -23.57 29.32 -5.04
C ILE D 177 -23.34 29.84 -6.46
N ALA D 178 -24.31 29.71 -7.35
CA ALA D 178 -24.09 30.18 -8.70
C ALA D 178 -24.11 31.70 -8.79
N LYS D 179 -25.06 32.35 -8.10
CA LYS D 179 -25.10 33.82 -8.03
C LYS D 179 -23.80 34.39 -7.45
N ALA D 180 -23.32 33.82 -6.35
CA ALA D 180 -22.11 34.32 -5.69
C ALA D 180 -20.90 34.21 -6.59
N VAL D 181 -20.76 33.07 -7.26
CA VAL D 181 -19.61 32.84 -8.13
C VAL D 181 -19.64 33.78 -9.33
N GLU D 182 -20.84 34.07 -9.85
CA GLU D 182 -20.94 35.07 -10.91
C GLU D 182 -20.57 36.46 -10.38
N ALA D 183 -21.00 36.79 -9.16
CA ALA D 183 -20.71 38.07 -8.55
C ALA D 183 -19.25 38.20 -8.12
N ALA D 184 -18.48 37.12 -8.22
CA ALA D 184 -17.04 37.15 -7.96
C ALA D 184 -16.18 37.25 -9.21
N GLY D 185 -16.77 37.21 -10.40
CA GLY D 185 -16.03 37.41 -11.62
C GLY D 185 -15.86 36.21 -12.52
N ALA D 186 -16.53 35.09 -12.22
CA ALA D 186 -16.47 33.94 -13.11
C ALA D 186 -17.06 34.28 -14.46
N ASP D 187 -16.38 33.87 -15.52
CA ASP D 187 -16.92 34.18 -16.82
C ASP D 187 -17.95 33.17 -17.27
N GLY D 188 -18.03 32.03 -16.61
CA GLY D 188 -18.93 30.97 -17.03
C GLY D 188 -18.98 29.88 -15.99
N LEU D 189 -19.83 28.91 -16.26
CA LEU D 189 -19.99 27.79 -15.38
C LEU D 189 -19.93 26.52 -16.20
N THR D 190 -19.40 25.46 -15.59
CA THR D 190 -19.60 24.10 -16.07
C THR D 190 -20.32 23.32 -14.98
N MET D 191 -21.27 22.48 -15.39
CA MET D 191 -22.02 21.65 -14.44
C MET D 191 -22.58 20.45 -15.18
N ILE D 192 -22.65 19.29 -14.51
CA ILE D 192 -22.31 19.12 -13.11
C ILE D 192 -21.15 18.17 -12.92
N ASN D 193 -20.47 18.31 -11.79
CA ASN D 193 -19.58 17.26 -11.34
C ASN D 193 -20.47 16.10 -10.84
N THR D 194 -19.87 15.10 -10.18
CA THR D 194 -20.58 13.87 -9.89
C THR D 194 -21.35 13.91 -8.58
N LEU D 195 -22.38 13.09 -8.51
CA LEU D 195 -23.01 12.81 -7.23
C LEU D 195 -22.18 11.77 -6.47
N MET D 196 -22.58 11.53 -5.23
CA MET D 196 -21.85 10.68 -4.31
C MET D 196 -22.59 9.34 -4.20
N GLY D 197 -21.88 8.25 -4.53
CA GLY D 197 -22.45 6.94 -4.47
C GLY D 197 -21.50 5.95 -3.80
N VAL D 198 -22.07 4.80 -3.44
CA VAL D 198 -21.33 3.72 -2.81
C VAL D 198 -21.90 2.40 -3.33
N ARG D 199 -21.03 1.42 -3.58
CA ARG D 199 -21.46 0.06 -3.78
C ARG D 199 -20.83 -0.82 -2.70
N PHE D 200 -21.55 -1.85 -2.30
CA PHE D 200 -21.03 -2.79 -1.33
C PHE D 200 -20.86 -4.13 -2.01
N ASP D 201 -19.79 -4.82 -1.66
CA ASP D 201 -19.52 -6.16 -2.14
C ASP D 201 -20.32 -7.13 -1.27
N LEU D 202 -21.20 -7.90 -1.87
CA LEU D 202 -22.05 -8.76 -1.06
C LEU D 202 -21.26 -9.85 -0.34
N LYS D 203 -20.16 -10.33 -0.95
CA LYS D 203 -19.42 -11.44 -0.36
C LYS D 203 -18.61 -10.99 0.86
N THR D 204 -17.85 -9.91 0.73
CA THR D 204 -16.97 -9.40 1.78
C THR D 204 -17.65 -8.40 2.69
N ARG D 205 -18.80 -7.85 2.30
CA ARG D 205 -19.55 -6.86 3.05
C ARG D 205 -18.83 -5.52 3.13
N LYS D 206 -17.82 -5.34 2.39
CA LYS D 206 -17.05 -4.11 2.38
C LYS D 206 -17.41 -3.23 1.18
N PRO D 207 -17.19 -1.93 1.27
CA PRO D 207 -17.37 -1.09 0.08
C PRO D 207 -16.45 -1.58 -1.03
N VAL D 208 -16.96 -1.56 -2.27
CA VAL D 208 -16.13 -2.12 -3.35
C VAL D 208 -15.04 -1.14 -3.73
N LEU D 209 -15.24 0.14 -3.45
CA LEU D 209 -14.20 1.14 -3.64
C LEU D 209 -13.39 1.22 -2.35
N ALA D 210 -12.05 1.23 -2.48
CA ALA D 210 -11.21 1.41 -1.30
C ALA D 210 -11.60 2.69 -0.57
N ASN D 211 -11.90 3.76 -1.31
CA ASN D 211 -12.31 5.02 -0.73
C ASN D 211 -13.71 5.01 -0.14
N ILE D 212 -14.41 3.87 -0.19
CA ILE D 212 -15.80 3.71 0.28
C ILE D 212 -16.75 4.44 -0.66
N THR D 213 -16.69 5.79 -0.65
CA THR D 213 -17.50 6.66 -1.51
C THR D 213 -16.78 6.97 -2.81
N GLY D 214 -17.57 7.29 -3.83
CA GLY D 214 -17.08 7.66 -5.13
C GLY D 214 -18.10 8.51 -5.86
N GLY D 215 -17.65 9.10 -6.97
CA GLY D 215 -18.50 9.97 -7.75
C GLY D 215 -19.39 9.17 -8.69
N LEU D 216 -20.70 9.41 -8.62
CA LEU D 216 -21.64 8.74 -9.53
C LEU D 216 -21.77 9.55 -10.82
N SER D 217 -21.73 8.86 -11.97
CA SER D 217 -21.85 9.53 -13.25
C SER D 217 -22.54 8.58 -14.22
N GLY D 218 -22.75 9.05 -15.44
CA GLY D 218 -23.40 8.26 -16.46
C GLY D 218 -24.79 8.76 -16.72
N PRO D 219 -25.51 8.13 -17.65
CA PRO D 219 -26.87 8.59 -17.98
C PRO D 219 -27.78 8.61 -16.76
N ALA D 220 -27.45 7.83 -15.74
CA ALA D 220 -28.28 7.82 -14.55
C ALA D 220 -28.43 9.22 -13.98
N ILE D 221 -27.43 10.08 -14.17
CA ILE D 221 -27.42 11.43 -13.58
C ILE D 221 -27.90 12.50 -14.56
N LYS D 222 -28.20 12.14 -15.80
CA LYS D 222 -28.66 13.15 -16.74
C LYS D 222 -29.85 13.95 -16.24
N PRO D 223 -30.88 13.35 -15.62
CA PRO D 223 -32.00 14.17 -15.12
C PRO D 223 -31.58 15.14 -14.04
N VAL D 224 -30.68 14.73 -13.15
CA VAL D 224 -30.19 15.63 -12.10
C VAL D 224 -29.42 16.80 -12.73
N ALA D 225 -28.57 16.49 -13.73
CA ALA D 225 -27.82 17.54 -14.42
C ALA D 225 -28.75 18.52 -15.10
N LEU D 226 -29.69 18.02 -15.89
CA LEU D 226 -30.62 18.89 -16.60
C LEU D 226 -31.31 19.84 -15.63
N LYS D 227 -31.77 19.32 -14.49
CA LYS D 227 -32.50 20.13 -13.50
C LYS D 227 -31.62 21.23 -12.94
N LEU D 228 -30.39 20.89 -12.53
CA LEU D 228 -29.55 21.93 -11.93
C LEU D 228 -29.07 22.92 -12.97
N ILE D 229 -28.91 22.48 -14.23
CA ILE D 229 -28.59 23.42 -15.31
C ILE D 229 -29.76 24.36 -15.57
N HIS D 230 -30.98 23.82 -15.73
CA HIS D 230 -32.15 24.66 -15.93
C HIS D 230 -32.34 25.63 -14.77
N GLN D 231 -32.22 25.12 -13.54
CA GLN D 231 -32.36 25.98 -12.37
C GLN D 231 -31.33 27.11 -12.41
N VAL D 232 -30.08 26.80 -12.72
CA VAL D 232 -29.05 27.83 -12.71
C VAL D 232 -29.25 28.80 -13.88
N ALA D 233 -29.64 28.29 -15.05
CA ALA D 233 -29.76 29.17 -16.23
C ALA D 233 -30.81 30.26 -16.06
N GLN D 234 -31.79 30.08 -15.16
CA GLN D 234 -32.81 31.08 -14.91
C GLN D 234 -32.37 32.18 -13.93
N VAL D 235 -31.12 32.18 -13.51
CA VAL D 235 -30.71 32.96 -12.35
C VAL D 235 -29.35 33.64 -12.60
N VAL D 236 -28.65 33.20 -13.64
CA VAL D 236 -27.33 33.74 -13.94
C VAL D 236 -27.33 34.13 -15.41
N ASP D 237 -26.44 35.05 -15.73
CA ASP D 237 -26.35 35.50 -17.11
C ASP D 237 -25.16 34.91 -17.83
N ILE D 238 -24.19 34.40 -17.08
CA ILE D 238 -22.97 33.82 -17.64
C ILE D 238 -23.32 32.46 -18.25
N PRO D 239 -22.65 32.06 -19.33
CA PRO D 239 -23.02 30.82 -20.03
C PRO D 239 -22.60 29.55 -19.30
N ILE D 240 -23.31 28.46 -19.60
CA ILE D 240 -23.15 27.18 -18.90
C ILE D 240 -22.73 26.09 -19.87
N ILE D 241 -21.62 25.43 -19.57
CA ILE D 241 -21.26 24.18 -20.25
C ILE D 241 -21.85 23.03 -19.44
N GLY D 242 -22.92 22.43 -19.95
CA GLY D 242 -23.62 21.39 -19.23
C GLY D 242 -23.07 20.01 -19.55
N MET D 243 -23.00 19.16 -18.51
CA MET D 243 -22.46 17.81 -18.64
C MET D 243 -23.05 16.89 -17.59
N GLY D 244 -23.12 15.61 -17.92
CA GLY D 244 -23.71 14.65 -17.02
C GLY D 244 -24.60 13.68 -17.74
N GLY D 245 -24.01 12.55 -18.15
CA GLY D 245 -24.76 11.48 -18.77
C GLY D 245 -25.06 11.68 -20.23
N VAL D 246 -24.45 12.66 -20.88
CA VAL D 246 -24.69 12.82 -22.31
C VAL D 246 -24.01 11.69 -23.06
N GLU D 247 -24.80 10.95 -23.86
CA GLU D 247 -24.24 9.95 -24.76
C GLU D 247 -24.79 10.00 -26.17
N SER D 248 -25.72 10.91 -26.46
CA SER D 248 -26.36 10.97 -27.77
C SER D 248 -26.51 12.43 -28.19
N ALA D 249 -26.66 12.66 -29.50
CA ALA D 249 -26.95 14.01 -29.99
C ALA D 249 -28.27 14.52 -29.43
N GLN D 250 -29.24 13.61 -29.26
CA GLN D 250 -30.46 13.95 -28.51
C GLN D 250 -30.13 14.54 -27.16
N ASP D 251 -29.31 13.84 -26.39
CA ASP D 251 -28.92 14.32 -25.07
C ASP D 251 -28.27 15.68 -25.17
N VAL D 252 -27.42 15.90 -26.19
CA VAL D 252 -26.81 17.21 -26.39
C VAL D 252 -27.88 18.26 -26.59
N LEU D 253 -28.85 17.96 -27.46
CA LEU D 253 -29.96 18.88 -27.69
C LEU D 253 -30.77 19.11 -26.42
N GLU D 254 -31.04 18.03 -25.65
CA GLU D 254 -31.79 18.18 -24.41
C GLU D 254 -31.04 19.08 -23.43
N MET D 255 -29.72 18.93 -23.37
CA MET D 255 -28.90 19.88 -22.63
C MET D 255 -29.11 21.32 -23.10
N TYR D 256 -29.34 21.54 -24.40
CA TYR D 256 -29.59 22.91 -24.85
C TYR D 256 -30.94 23.40 -24.36
N MET D 257 -31.98 22.56 -24.50
CA MET D 257 -33.29 22.90 -23.97
C MET D 257 -33.22 23.22 -22.49
N ALA D 258 -32.18 22.76 -21.80
CA ALA D 258 -31.96 23.07 -20.39
C ALA D 258 -31.32 24.45 -20.16
N GLY D 259 -30.70 25.03 -21.18
CA GLY D 259 -30.03 26.30 -21.05
C GLY D 259 -28.52 26.24 -21.14
N ALA D 260 -27.97 25.11 -21.59
CA ALA D 260 -26.53 24.95 -21.75
C ALA D 260 -26.10 25.46 -23.11
N SER D 261 -24.84 25.91 -23.21
CA SER D 261 -24.29 26.38 -24.47
C SER D 261 -23.36 25.37 -25.16
N ALA D 262 -22.59 24.57 -24.40
CA ALA D 262 -21.87 23.44 -24.98
C ALA D 262 -21.95 22.27 -24.02
N VAL D 263 -21.67 21.08 -24.51
CA VAL D 263 -21.94 19.85 -23.77
C VAL D 263 -20.67 19.04 -23.59
N ALA D 264 -20.37 18.69 -22.34
CA ALA D 264 -19.23 17.83 -22.03
C ALA D 264 -19.70 16.39 -21.94
N VAL D 265 -18.88 15.49 -22.45
CA VAL D 265 -19.17 14.06 -22.50
C VAL D 265 -18.04 13.35 -21.78
N GLY D 266 -18.38 12.61 -20.72
CA GLY D 266 -17.36 12.02 -19.89
C GLY D 266 -17.42 10.51 -19.92
N THR D 267 -18.35 9.93 -19.14
CA THR D 267 -18.47 8.48 -19.01
C THR D 267 -18.76 7.79 -20.33
N ALA D 268 -19.48 8.44 -21.25
CA ALA D 268 -19.87 7.81 -22.52
C ALA D 268 -18.67 7.31 -23.31
N ASN D 269 -17.51 7.98 -23.20
CA ASN D 269 -16.31 7.54 -23.91
C ASN D 269 -15.87 6.14 -23.52
N PHE D 270 -16.16 5.70 -22.28
CA PHE D 270 -15.74 4.36 -21.87
C PHE D 270 -16.59 3.28 -22.51
N ALA D 271 -17.83 3.59 -22.86
CA ALA D 271 -18.66 2.58 -23.49
C ALA D 271 -18.42 2.58 -24.99
N ASP D 272 -18.25 3.75 -25.57
CA ASP D 272 -17.96 3.90 -26.99
C ASP D 272 -16.82 4.89 -27.12
N PRO D 273 -15.60 4.43 -27.39
CA PRO D 273 -14.47 5.35 -27.56
C PRO D 273 -14.73 6.41 -28.62
N PHE D 274 -15.59 6.11 -29.59
CA PHE D 274 -15.90 7.03 -30.66
C PHE D 274 -17.15 7.85 -30.40
N VAL D 275 -17.67 7.81 -29.17
CA VAL D 275 -18.95 8.45 -28.89
C VAL D 275 -18.88 9.94 -29.20
N CYS D 276 -17.70 10.56 -29.10
CA CYS D 276 -17.55 12.00 -29.33
C CYS D 276 -17.46 12.41 -30.81
N PRO D 277 -16.66 11.75 -31.67
CA PRO D 277 -16.82 12.01 -33.10
C PRO D 277 -18.16 11.56 -33.64
N LYS D 278 -18.67 10.41 -33.15
CA LYS D 278 -19.96 9.92 -33.62
C LYS D 278 -21.06 10.95 -33.38
N ILE D 279 -21.09 11.56 -32.19
CA ILE D 279 -22.12 12.52 -31.86
C ILE D 279 -21.99 13.77 -32.73
N ILE D 280 -20.77 14.18 -33.04
CA ILE D 280 -20.56 15.39 -33.85
C ILE D 280 -21.07 15.16 -35.26
N GLU D 281 -20.97 13.93 -35.73
CA GLU D 281 -21.40 13.53 -37.06
C GLU D 281 -22.89 13.22 -37.11
N LYS D 282 -23.51 12.92 -35.98
CA LYS D 282 -24.94 12.63 -35.94
C LYS D 282 -25.79 13.85 -35.64
N LEU D 283 -25.19 14.93 -35.13
CA LEU D 283 -25.96 16.08 -34.66
C LEU D 283 -26.83 16.74 -35.73
N PRO D 284 -26.37 17.03 -36.95
CA PRO D 284 -27.25 17.81 -37.86
C PRO D 284 -28.54 17.09 -38.24
N GLU D 285 -28.49 15.79 -38.54
CA GLU D 285 -29.73 15.04 -38.79
C GLU D 285 -30.69 15.15 -37.61
N VAL D 286 -30.17 15.10 -36.38
CA VAL D 286 -30.99 15.22 -35.19
C VAL D 286 -31.49 16.66 -35.01
N MET D 287 -30.71 17.65 -35.45
CA MET D 287 -31.21 19.03 -35.45
C MET D 287 -32.24 19.27 -36.56
N ASP D 288 -32.07 18.62 -37.72
CA ASP D 288 -33.11 18.70 -38.73
C ASP D 288 -34.39 18.06 -38.23
N GLN D 289 -34.25 16.95 -37.50
CA GLN D 289 -35.39 16.23 -36.98
C GLN D 289 -36.26 17.10 -36.07
N TYR D 290 -35.67 18.09 -35.41
CA TYR D 290 -36.45 18.93 -34.50
C TYR D 290 -36.50 20.37 -34.98
N GLY D 291 -36.22 20.59 -36.26
CA GLY D 291 -36.35 21.92 -36.81
C GLY D 291 -35.45 22.93 -36.13
N ILE D 292 -34.20 22.56 -35.86
CA ILE D 292 -33.25 23.46 -35.23
C ILE D 292 -32.26 23.91 -36.29
N ASP D 293 -32.08 25.23 -36.35
CA ASP D 293 -31.25 25.97 -37.29
C ASP D 293 -29.78 25.66 -37.09
N SER D 294 -29.27 26.30 -36.05
CA SER D 294 -27.90 26.26 -35.61
C SER D 294 -27.95 26.25 -34.10
N LEU D 295 -26.87 25.80 -33.48
CA LEU D 295 -26.84 25.81 -32.03
C LEU D 295 -26.75 27.24 -31.52
N GLU D 296 -26.07 28.13 -32.25
CA GLU D 296 -26.04 29.52 -31.81
C GLU D 296 -27.44 30.11 -31.69
N ASN D 297 -28.31 29.86 -32.70
CA ASN D 297 -29.68 30.35 -32.63
C ASN D 297 -30.39 29.76 -31.42
N LEU D 298 -30.37 28.43 -31.30
CA LEU D 298 -31.07 27.73 -30.24
C LEU D 298 -30.72 28.30 -28.86
N ILE D 299 -29.44 28.64 -28.65
CA ILE D 299 -29.03 29.29 -27.41
C ILE D 299 -29.78 30.58 -27.19
N GLN D 300 -29.93 31.37 -28.25
CA GLN D 300 -30.63 32.64 -28.12
C GLN D 300 -32.13 32.42 -27.90
N GLU D 301 -32.73 31.51 -28.68
CA GLU D 301 -34.16 31.23 -28.52
C GLU D 301 -34.48 30.71 -27.12
N VAL D 302 -33.72 29.71 -26.66
CA VAL D 302 -33.91 29.17 -25.31
C VAL D 302 -33.71 30.26 -24.27
N LYS D 303 -32.71 31.13 -24.49
CA LYS D 303 -32.42 32.20 -23.52
C LYS D 303 -33.58 33.19 -23.40
N ASN D 304 -34.32 33.42 -24.47
CA ASN D 304 -35.43 34.36 -24.43
C ASN D 304 -36.66 33.75 -23.76
N SER D 305 -36.57 32.48 -23.33
CA SER D 305 -37.66 31.75 -22.69
C SER D 305 -38.84 31.63 -23.65
N1 FMN E . 20.63 5.47 15.48
C2 FMN E . 21.00 5.72 14.20
O2 FMN E . 21.64 6.77 13.96
N3 FMN E . 20.74 4.87 13.18
C4 FMN E . 20.05 3.72 13.37
O4 FMN E . 19.79 2.94 12.41
C4A FMN E . 19.62 3.39 14.75
N5 FMN E . 18.94 2.25 15.02
C5A FMN E . 18.53 2.00 16.28
C6 FMN E . 17.82 0.84 16.52
C7 FMN E . 17.41 0.53 17.79
C7M FMN E . 16.64 -0.74 17.96
C8 FMN E . 17.70 1.48 18.92
C8M FMN E . 17.25 1.22 20.33
C9 FMN E . 18.39 2.65 18.68
C9A FMN E . 18.82 2.95 17.40
N10 FMN E . 19.57 4.12 17.13
C10 FMN E . 19.95 4.36 15.81
C1' FMN E . 19.88 5.13 18.15
C2' FMN E . 18.62 5.98 18.30
O2' FMN E . 18.43 6.79 17.13
C3' FMN E . 18.63 6.92 19.49
O3' FMN E . 19.43 8.05 19.16
C4' FMN E . 19.21 6.27 20.72
O4' FMN E . 18.57 5.01 20.85
C5' FMN E . 18.97 7.19 21.93
O5' FMN E . 17.60 7.63 22.10
P FMN E . 16.50 6.73 22.85
O1P FMN E . 15.25 7.57 23.07
O2P FMN E . 17.17 6.35 24.15
O3P FMN E . 16.30 5.55 21.90
N1 ORO F . 22.13 0.78 16.69
C2 ORO F . 22.35 1.91 17.34
O2 ORO F . 22.13 1.92 18.57
N3 ORO F . 22.79 3.02 16.71
C4 ORO F . 22.99 3.00 15.39
O4 ORO F . 23.40 4.02 14.80
C5 ORO F . 22.78 1.83 14.68
C6 ORO F . 22.34 0.72 15.38
C7 ORO F . 22.07 -0.58 14.70
O71 ORO F . 21.51 -0.56 13.57
O72 ORO F . 22.41 -1.64 15.31
CL CL G . 26.59 -0.73 2.29
PA FAD H . 13.50 -11.70 31.46
O1A FAD H . 14.80 -12.49 31.39
O2A FAD H . 13.28 -10.68 32.60
O5B FAD H . 13.24 -11.03 29.98
C5B FAD H . 14.14 -10.05 29.41
C4B FAD H . 13.94 -9.82 27.90
O4B FAD H . 14.37 -11.01 27.26
C3B FAD H . 12.49 -9.60 27.46
O3B FAD H . 12.41 -8.70 26.33
C2B FAD H . 12.06 -10.99 27.05
O2B FAD H . 11.06 -10.91 26.04
C1B FAD H . 13.33 -11.54 26.44
N9A FAD H . 13.36 -13.03 26.41
C8A FAD H . 14.07 -13.84 27.23
N7A FAD H . 13.88 -15.15 26.92
C5A FAD H . 13.03 -15.20 25.87
C6A FAD H . 12.42 -16.26 25.04
N6A FAD H . 12.66 -17.58 25.27
N1A FAD H . 11.59 -15.86 24.04
C2A FAD H . 11.32 -14.55 23.81
N3A FAD H . 11.84 -13.53 24.51
C4A FAD H . 12.69 -13.79 25.54
N1 FAD H . 6.16 -17.88 26.83
C2 FAD H . 5.18 -18.47 27.55
O2 FAD H . 5.48 -18.87 28.68
N3 FAD H . 3.92 -18.64 27.08
C4 FAD H . 3.55 -18.21 25.85
O4 FAD H . 2.40 -18.33 25.39
C4X FAD H . 4.56 -17.55 25.02
N5 FAD H . 4.25 -17.11 23.79
C5X FAD H . 5.17 -16.50 23.04
C6 FAD H . 4.83 -16.03 21.77
C7 FAD H . 5.79 -15.39 21.00
C7M FAD H . 5.45 -14.88 19.62
C8 FAD H . 7.17 -15.21 21.51
C8M FAD H . 8.22 -14.52 20.66
C9 FAD H . 7.51 -15.67 22.78
C9A FAD H . 6.56 -16.30 23.56
N10 FAD H . 6.91 -16.78 24.84
C10 FAD H . 5.91 -17.40 25.60
C1' FAD H . 8.25 -16.61 25.40
C2' FAD H . 8.11 -15.42 26.38
O2' FAD H . 7.97 -14.18 25.66
C3' FAD H . 9.26 -15.40 27.38
O3' FAD H . 8.99 -16.49 28.25
C4' FAD H . 9.25 -14.15 28.23
O4' FAD H . 9.17 -12.99 27.40
C5' FAD H . 10.52 -14.08 29.05
O5' FAD H . 10.62 -12.83 29.74
P FAD H . 10.86 -12.86 31.32
O1P FAD H . 10.41 -14.26 31.75
O2P FAD H . 10.24 -11.64 31.97
O3P FAD H . 12.45 -12.91 31.52
FE1 FES I . 10.40 -4.88 16.41
FE2 FES I . 9.71 -7.56 15.34
S1 FES I . 10.53 -5.74 14.41
S2 FES I . 9.91 -6.80 17.41
C1 GOL J . 9.39 -31.04 25.48
O1 GOL J . 10.72 -31.43 25.70
C2 GOL J . 8.84 -31.77 24.20
O2 GOL J . 9.36 -31.25 23.06
C3 GOL J . 9.17 -33.31 24.30
O3 GOL J . 8.52 -33.96 25.43
PA FAD K . -20.03 -7.96 -12.18
O1A FAD K . -20.09 -8.08 -10.68
O2A FAD K . -21.36 -7.87 -12.92
O5B FAD K . -19.03 -6.71 -12.55
C5B FAD K . -19.37 -5.31 -12.53
C4B FAD K . -18.13 -4.44 -12.80
O4B FAD K . -17.07 -4.83 -11.92
C3B FAD K . -17.54 -4.53 -14.20
O3B FAD K . -16.86 -3.31 -14.49
C2B FAD K . -16.46 -5.58 -14.08
O2B FAD K . -15.40 -5.28 -14.99
C1B FAD K . -15.94 -5.28 -12.69
N9A FAD K . -15.27 -6.46 -12.11
C8A FAD K . -15.83 -7.34 -11.23
N7A FAD K . -14.97 -8.33 -10.88
C5A FAD K . -13.82 -8.08 -11.55
C6A FAD K . -12.50 -8.75 -11.62
N6A FAD K . -12.29 -9.88 -10.88
N1A FAD K . -11.57 -8.17 -12.42
C2A FAD K . -11.82 -7.04 -13.15
N3A FAD K . -13.01 -6.38 -13.14
C4A FAD K . -14.02 -6.85 -12.36
N1 FAD K . -11.60 -13.10 -16.59
C2 FAD K . -11.76 -14.27 -17.21
O2 FAD K . -12.63 -15.03 -16.76
N3 FAD K . -11.00 -14.64 -18.24
C4 FAD K . -10.05 -13.85 -18.77
O4 FAD K . -9.38 -14.21 -19.75
C4X FAD K . -9.81 -12.53 -18.14
N5 FAD K . -8.86 -11.70 -18.59
C5X FAD K . -8.69 -10.51 -17.99
C6 FAD K . -7.72 -9.62 -18.46
C7 FAD K . -7.56 -8.39 -17.83
C7M FAD K . -6.51 -7.44 -18.34
C8 FAD K . -8.42 -8.03 -16.67
C8M FAD K . -8.28 -6.71 -15.95
C9 FAD K . -9.38 -8.90 -16.20
C9A FAD K . -9.53 -10.12 -16.81
N10 FAD K . -10.51 -10.99 -16.33
C10 FAD K . -10.67 -12.22 -16.99
C1' FAD K . -11.36 -10.62 -15.19
C2' FAD K . -12.76 -10.26 -15.70
O2' FAD K . -12.68 -9.04 -16.46
C3' FAD K . -13.77 -10.14 -14.57
O3' FAD K . -13.92 -11.39 -13.91
C4' FAD K . -15.11 -9.65 -15.11
O4' FAD K . -14.99 -8.26 -15.36
C5' FAD K . -16.23 -9.80 -14.09
O5' FAD K . -17.45 -9.32 -14.67
P FAD K . -18.93 -9.78 -14.17
O1P FAD K . -19.01 -11.28 -13.99
O2P FAD K . -19.86 -9.03 -15.12
O3P FAD K . -19.12 -9.20 -12.69
FE1 FES L . -8.83 3.77 -17.94
FE2 FES L . -6.89 1.83 -17.51
S1 FES L . -6.72 4.00 -17.47
S2 FES L . -9.07 1.64 -17.58
N1 FMN M . -14.37 16.12 -12.82
C2 FMN M . -13.45 17.08 -12.60
O2 FMN M . -13.88 18.24 -12.40
N3 FMN M . -12.13 16.84 -12.52
C4 FMN M . -11.62 15.62 -12.71
O4 FMN M . -10.39 15.38 -12.66
C4A FMN M . -12.56 14.51 -12.97
N5 FMN M . -12.11 13.25 -13.17
C5A FMN M . -12.99 12.24 -13.43
C6 FMN M . -12.52 10.96 -13.63
C7 FMN M . -13.40 9.92 -13.88
C7M FMN M . -12.88 8.51 -14.10
C8 FMN M . -14.85 10.18 -13.96
C8M FMN M . -15.81 9.05 -14.25
C9 FMN M . -15.34 11.47 -13.75
C9A FMN M . -14.46 12.51 -13.49
N10 FMN M . -14.95 13.84 -13.27
C10 FMN M . -14.00 14.85 -13.03
C1' FMN M . -16.36 14.19 -13.33
C2' FMN M . -16.70 14.45 -14.81
O2' FMN M . -15.78 15.38 -15.40
C3' FMN M . -18.07 15.08 -14.96
O3' FMN M . -18.18 16.16 -14.04
C4' FMN M . -19.23 14.07 -14.87
O4' FMN M . -18.76 12.76 -14.47
C5' FMN M . -19.75 14.07 -16.31
O5' FMN M . -20.82 13.20 -16.55
P FMN M . -20.66 11.94 -17.54
O1P FMN M . -20.66 12.36 -19.01
O2P FMN M . -21.95 11.24 -17.11
O3P FMN M . -19.40 11.22 -17.17
N1 ORO N . -13.78 12.42 -9.68
C2 ORO N . -14.87 13.13 -9.97
O2 ORO N . -15.96 12.54 -10.19
N3 ORO N . -14.82 14.48 -10.05
C4 ORO N . -13.67 15.14 -9.84
O4 ORO N . -13.68 16.38 -9.91
C5 ORO N . -12.50 14.41 -9.52
C6 ORO N . -12.60 13.02 -9.46
C7 ORO N . -11.43 12.15 -9.12
O71 ORO N . -10.31 12.32 -9.68
O72 ORO N . -11.60 11.26 -8.25
C1 GOL O . 1.42 10.56 -9.91
O1 GOL O . 2.80 10.64 -10.03
C2 GOL O . 0.82 10.40 -11.32
O2 GOL O . 1.11 11.45 -12.16
C3 GOL O . 1.38 9.03 -11.85
O3 GOL O . 2.50 9.30 -12.60
#